data_9GNF
#
_entry.id   9GNF
#
_cell.length_a   100.463
_cell.length_b   177.253
_cell.length_c   112.359
_cell.angle_alpha   90
_cell.angle_beta   90
_cell.angle_gamma   90
#
_symmetry.space_group_name_H-M   'C 2 2 21'
#
loop_
_entity.id
_entity.type
_entity.pdbx_description
1 polymer 'Streptomyces aminotransferase'
2 non-polymer '3-[O-PHOSPHONOPYRIDOXYL]--AMINO-BENZOIC ACID'
3 non-polymer 1,2-ETHANEDIOL
4 non-polymer DI(HYDROXYETHYL)ETHER
5 non-polymer 'CALCIUM ION'
6 non-polymer 'CHLORIDE ION'
7 water water
#
_entity_poly.entity_id   1
_entity_poly.type   'polypeptide(L)'
_entity_poly.pdbx_seq_one_letter_code
;MGNPIAVSKDLSRTAYDHLWMHFTRMSSYESAPVPTIVRGEGTYIFDDQGRRYLDGLAGLFVVQAGHGRTELAEAASKQA
QDLAFFPIWSYAHPKAVELAERLAHEAPGDLNKVFFTTGGGEAVETAWKLAKQYFKLTGKPTKHKVISRAVAYHGTPQGA
LSITGLPALKAPFEPLVPGAHKVPNTNIYRAPLFGDDPEAFGRWAADQIEQQILFEGPETVAAVFLEPVQNAGGCFPPPP
GYFQRVREICDQYDVLLVSDEVICAFGRLGTTFACDKFGYVPDMITCAKGMTSGYSPIGACIISDRLAEPFYQGDNTFLH
GYTFGGHPVSSAVALANLDIFDREGLNQHVLDNEGTFFATLQKLHDLPIVGDVRGNGFFYGIELVKDKATKETFTEEETE
RVLYGFLSKALFDNGLYCRADDRGDPVIQLAPPLISDQSTFDEIEGILRTVLTEAWTKLHHHHHH
;
_entity_poly.pdbx_strand_id   A,B
#
# COMPACT_ATOMS: atom_id res chain seq x y z
N SER A 8 -52.21 -9.50 4.12
CA SER A 8 -51.79 -10.36 2.98
C SER A 8 -50.28 -10.60 3.04
N LYS A 9 -49.77 -11.33 2.04
CA LYS A 9 -48.34 -11.50 1.82
C LYS A 9 -47.70 -10.17 1.38
N ASP A 10 -48.36 -9.47 0.45
CA ASP A 10 -47.86 -8.27 -0.20
C ASP A 10 -47.71 -7.11 0.79
N LEU A 11 -48.59 -7.07 1.81
CA LEU A 11 -48.61 -6.03 2.83
C LEU A 11 -47.88 -6.47 4.11
N SER A 12 -47.33 -7.70 4.11
CA SER A 12 -46.64 -8.25 5.27
C SER A 12 -45.31 -7.53 5.50
N ARG A 13 -45.07 -7.14 6.76
CA ARG A 13 -43.91 -6.34 7.04
CA ARG A 13 -43.94 -6.31 7.09
C ARG A 13 -43.08 -6.98 8.16
N THR A 14 -43.29 -8.29 8.44
CA THR A 14 -42.58 -8.92 9.56
C THR A 14 -41.06 -8.85 9.32
N ALA A 15 -40.62 -9.21 8.08
CA ALA A 15 -39.20 -9.14 7.78
C ALA A 15 -38.66 -7.71 7.91
N TYR A 16 -39.36 -6.73 7.28
CA TYR A 16 -38.90 -5.34 7.40
C TYR A 16 -38.81 -4.94 8.89
N ASP A 17 -39.78 -5.36 9.70
CA ASP A 17 -39.83 -4.90 11.08
C ASP A 17 -38.76 -5.55 11.97
N HIS A 18 -38.25 -6.75 11.59
CA HIS A 18 -37.41 -7.46 12.57
C HIS A 18 -36.17 -8.14 11.97
N LEU A 19 -36.15 -8.52 10.69
CA LEU A 19 -34.99 -9.22 10.14
C LEU A 19 -34.07 -8.18 9.52
N TRP A 20 -32.89 -7.95 10.14
CA TRP A 20 -31.95 -7.01 9.53
C TRP A 20 -31.10 -7.82 8.54
N MET A 21 -31.48 -7.71 7.27
CA MET A 21 -30.82 -8.53 6.24
C MET A 21 -29.40 -7.99 6.00
N HIS A 22 -28.53 -8.91 5.54
CA HIS A 22 -27.11 -8.65 5.40
C HIS A 22 -26.83 -7.92 4.08
N PHE A 23 -25.94 -6.90 4.16
CA PHE A 23 -25.64 -6.06 3.00
C PHE A 23 -26.90 -5.68 2.20
N THR A 24 -27.90 -5.19 2.89
CA THR A 24 -29.21 -4.94 2.27
C THR A 24 -29.66 -3.52 2.60
N ARG A 25 -30.19 -2.84 1.57
CA ARG A 25 -30.80 -1.53 1.77
CA ARG A 25 -30.80 -1.53 1.78
C ARG A 25 -32.20 -1.76 2.30
N MET A 26 -32.40 -1.58 3.60
CA MET A 26 -33.63 -1.98 4.26
C MET A 26 -34.81 -1.09 3.83
N SER A 27 -34.54 0.16 3.44
CA SER A 27 -35.64 1.05 3.06
C SER A 27 -36.39 0.54 1.83
N SER A 28 -35.76 -0.32 1.03
CA SER A 28 -36.41 -0.97 -0.12
C SER A 28 -37.66 -1.72 0.28
N TYR A 29 -37.81 -2.07 1.57
CA TYR A 29 -38.89 -2.94 1.99
C TYR A 29 -39.87 -2.25 2.92
N GLU A 30 -39.73 -0.92 3.06
CA GLU A 30 -40.68 -0.19 3.88
C GLU A 30 -42.10 -0.34 3.31
N SER A 31 -42.20 -0.33 1.98
CA SER A 31 -43.50 -0.22 1.32
C SER A 31 -43.64 -1.28 0.22
N ALA A 32 -42.78 -2.32 0.21
CA ALA A 32 -42.80 -3.36 -0.79
C ALA A 32 -42.44 -4.66 -0.08
N PRO A 33 -42.95 -5.83 -0.51
CA PRO A 33 -42.63 -7.09 0.16
C PRO A 33 -41.18 -7.53 -0.02
N VAL A 34 -40.69 -8.27 0.99
CA VAL A 34 -39.35 -8.81 0.82
C VAL A 34 -39.44 -10.12 0.05
N PRO A 35 -38.62 -10.31 -0.99
CA PRO A 35 -38.61 -11.58 -1.72
C PRO A 35 -38.25 -12.71 -0.76
N THR A 36 -39.09 -13.75 -0.69
CA THR A 36 -38.96 -14.76 0.36
C THR A 36 -38.86 -16.14 -0.28
N ILE A 37 -37.72 -16.81 -0.09
CA ILE A 37 -37.48 -18.13 -0.65
C ILE A 37 -37.84 -19.15 0.41
N VAL A 38 -38.57 -20.21 0.03
CA VAL A 38 -39.14 -21.11 1.04
C VAL A 38 -38.73 -22.58 0.85
N ARG A 39 -38.26 -22.94 -0.35
CA ARG A 39 -38.07 -24.35 -0.67
CA ARG A 39 -38.00 -24.35 -0.62
C ARG A 39 -37.03 -24.41 -1.79
N GLY A 40 -36.22 -25.48 -1.81
CA GLY A 40 -35.38 -25.72 -2.98
C GLY A 40 -35.41 -27.19 -3.37
N GLU A 41 -35.20 -27.43 -4.67
CA GLU A 41 -35.15 -28.78 -5.22
CA GLU A 41 -35.09 -28.80 -5.16
C GLU A 41 -34.09 -28.82 -6.30
N GLY A 42 -32.98 -29.53 -6.05
CA GLY A 42 -31.93 -29.63 -7.07
C GLY A 42 -31.34 -28.24 -7.36
N THR A 43 -31.40 -27.80 -8.61
CA THR A 43 -30.84 -26.49 -8.99
C THR A 43 -31.89 -25.38 -8.91
N TYR A 44 -33.08 -25.67 -8.41
CA TYR A 44 -34.14 -24.66 -8.39
C TYR A 44 -34.55 -24.26 -6.97
N ILE A 45 -35.04 -23.03 -6.86
CA ILE A 45 -35.64 -22.55 -5.61
C ILE A 45 -37.03 -22.05 -5.92
N PHE A 46 -37.86 -21.99 -4.87
CA PHE A 46 -39.25 -21.57 -4.99
C PHE A 46 -39.51 -20.49 -3.96
N ASP A 47 -40.24 -19.46 -4.40
CA ASP A 47 -40.64 -18.40 -3.47
C ASP A 47 -41.95 -18.78 -2.78
N ASP A 48 -42.44 -17.83 -1.97
CA ASP A 48 -43.61 -18.07 -1.14
C ASP A 48 -44.92 -18.05 -1.92
N GLN A 49 -44.87 -17.81 -3.23
CA GLN A 49 -46.02 -17.94 -4.11
C GLN A 49 -45.88 -19.17 -5.01
N GLY A 50 -44.81 -19.96 -4.80
CA GLY A 50 -44.63 -21.17 -5.58
C GLY A 50 -43.98 -20.94 -6.94
N ARG A 51 -43.51 -19.71 -7.20
CA ARG A 51 -42.78 -19.42 -8.42
C ARG A 51 -41.39 -20.03 -8.32
N ARG A 52 -40.89 -20.55 -9.46
CA ARG A 52 -39.61 -21.26 -9.45
C ARG A 52 -38.55 -20.45 -10.18
N TYR A 53 -37.31 -20.51 -9.65
CA TYR A 53 -36.18 -19.79 -10.19
C TYR A 53 -35.00 -20.74 -10.24
N LEU A 54 -34.16 -20.60 -11.28
CA LEU A 54 -32.92 -21.36 -11.28
C LEU A 54 -31.95 -20.68 -10.29
N ASP A 55 -31.37 -21.50 -9.40
CA ASP A 55 -30.46 -20.99 -8.37
C ASP A 55 -29.08 -20.81 -9.01
N GLY A 56 -28.92 -19.69 -9.72
CA GLY A 56 -27.71 -19.52 -10.51
C GLY A 56 -26.48 -19.14 -9.68
N LEU A 57 -26.64 -18.89 -8.36
CA LEU A 57 -25.52 -18.63 -7.46
CA LEU A 57 -25.51 -18.63 -7.47
C LEU A 57 -25.33 -19.76 -6.45
N ALA A 58 -26.12 -20.84 -6.54
CA ALA A 58 -26.07 -21.86 -5.50
C ALA A 58 -26.24 -21.22 -4.13
N GLY A 59 -27.25 -20.33 -4.06
CA GLY A 59 -27.58 -19.67 -2.80
C GLY A 59 -26.65 -18.48 -2.62
N LEU A 60 -25.40 -18.75 -2.24
CA LEU A 60 -24.40 -17.69 -2.14
C LEU A 60 -23.04 -18.36 -2.33
N PHE A 61 -22.90 -19.02 -3.48
CA PHE A 61 -21.69 -19.78 -3.82
C PHE A 61 -21.53 -20.95 -2.86
N VAL A 62 -22.65 -21.61 -2.48
CA VAL A 62 -22.64 -22.55 -1.36
C VAL A 62 -23.21 -23.93 -1.67
N VAL A 63 -24.36 -24.01 -2.34
CA VAL A 63 -25.15 -25.25 -2.34
C VAL A 63 -24.64 -26.17 -3.47
N GLN A 64 -23.45 -26.76 -3.23
CA GLN A 64 -22.74 -27.43 -4.34
C GLN A 64 -23.58 -28.62 -4.84
N ALA A 65 -24.11 -29.43 -3.89
CA ALA A 65 -24.79 -30.66 -4.30
C ALA A 65 -26.23 -30.42 -4.74
N GLY A 66 -26.76 -29.21 -4.62
CA GLY A 66 -28.18 -28.96 -4.87
C GLY A 66 -29.01 -29.01 -3.58
N HIS A 67 -30.23 -28.49 -3.72
CA HIS A 67 -31.19 -28.44 -2.61
C HIS A 67 -31.97 -29.75 -2.51
N GLY A 68 -32.55 -29.98 -1.34
CA GLY A 68 -33.51 -31.08 -1.13
C GLY A 68 -32.79 -32.42 -0.92
N ARG A 69 -31.52 -32.42 -0.52
CA ARG A 69 -30.79 -33.67 -0.30
C ARG A 69 -31.23 -34.34 1.00
N THR A 70 -32.07 -35.40 0.90
CA THR A 70 -32.54 -36.13 2.05
CA THR A 70 -32.55 -36.06 2.09
C THR A 70 -31.37 -36.75 2.78
N GLU A 71 -30.34 -37.17 2.06
CA GLU A 71 -29.21 -37.83 2.69
CA GLU A 71 -29.19 -37.82 2.67
C GLU A 71 -28.54 -36.87 3.68
N LEU A 72 -28.44 -35.56 3.31
CA LEU A 72 -27.83 -34.59 4.22
C LEU A 72 -28.75 -34.22 5.38
N ALA A 73 -30.07 -34.15 5.15
CA ALA A 73 -31.03 -33.89 6.23
C ALA A 73 -30.95 -35.03 7.24
N GLU A 74 -30.92 -36.29 6.74
N GLU A 74 -30.92 -36.29 6.74
CA GLU A 74 -30.91 -37.42 7.66
CA GLU A 74 -30.91 -37.42 7.66
C GLU A 74 -29.57 -37.54 8.40
C GLU A 74 -29.57 -37.54 8.40
N ALA A 75 -28.46 -37.16 7.74
CA ALA A 75 -27.18 -37.17 8.42
C ALA A 75 -27.25 -36.21 9.63
N ALA A 76 -27.91 -35.05 9.44
CA ALA A 76 -27.96 -34.07 10.52
C ALA A 76 -28.77 -34.64 11.69
N SER A 77 -29.95 -35.19 11.39
N SER A 77 -29.94 -35.19 11.38
CA SER A 77 -30.78 -35.66 12.50
CA SER A 77 -30.79 -35.68 12.44
C SER A 77 -30.12 -36.84 13.21
C SER A 77 -30.13 -36.83 13.19
N LYS A 78 -29.46 -37.72 12.46
CA LYS A 78 -28.85 -38.88 13.09
CA LYS A 78 -28.85 -38.88 13.10
C LYS A 78 -27.77 -38.42 14.09
N GLN A 79 -26.94 -37.44 13.68
CA GLN A 79 -25.92 -36.98 14.61
C GLN A 79 -26.50 -36.17 15.77
N ALA A 80 -27.47 -35.30 15.49
CA ALA A 80 -28.04 -34.44 16.53
C ALA A 80 -28.65 -35.30 17.63
N GLN A 81 -29.21 -36.47 17.26
CA GLN A 81 -29.85 -37.31 18.27
CA GLN A 81 -29.85 -37.30 18.27
C GLN A 81 -28.82 -37.92 19.22
N ASP A 82 -27.62 -38.19 18.71
CA ASP A 82 -26.56 -38.87 19.46
CA ASP A 82 -26.53 -38.87 19.41
C ASP A 82 -25.71 -37.85 20.22
N LEU A 83 -25.19 -36.81 19.56
CA LEU A 83 -24.38 -35.77 20.23
C LEU A 83 -24.43 -34.58 19.29
N ALA A 84 -25.28 -33.59 19.60
CA ALA A 84 -25.40 -32.44 18.71
C ALA A 84 -24.28 -31.43 18.98
N PHE A 85 -23.83 -31.33 20.22
CA PHE A 85 -22.77 -30.36 20.53
C PHE A 85 -21.89 -30.88 21.66
N PHE A 86 -20.56 -30.85 21.44
CA PHE A 86 -19.58 -30.85 22.51
C PHE A 86 -18.38 -30.12 21.96
N PRO A 87 -17.67 -29.29 22.74
CA PRO A 87 -16.63 -28.45 22.15
C PRO A 87 -15.36 -29.24 21.84
N ILE A 88 -14.66 -28.80 20.78
CA ILE A 88 -13.34 -29.36 20.49
C ILE A 88 -12.28 -28.52 21.21
N TRP A 89 -12.47 -28.36 22.53
CA TRP A 89 -11.57 -27.54 23.36
C TRP A 89 -11.00 -28.48 24.43
N SER A 90 -9.81 -29.01 24.16
CA SER A 90 -9.15 -30.02 24.99
CA SER A 90 -9.08 -30.06 24.88
C SER A 90 -9.91 -31.35 24.98
N TYR A 91 -10.84 -31.49 24.03
CA TYR A 91 -11.62 -32.71 23.81
C TYR A 91 -11.80 -32.86 22.32
N ALA A 92 -12.07 -34.10 21.90
CA ALA A 92 -12.49 -34.39 20.55
C ALA A 92 -13.84 -35.04 20.55
N HIS A 93 -14.49 -35.03 19.38
CA HIS A 93 -15.64 -35.92 19.18
C HIS A 93 -15.42 -36.55 17.82
N PRO A 94 -16.04 -37.71 17.55
CA PRO A 94 -15.58 -38.50 16.42
C PRO A 94 -15.73 -37.88 15.05
N LYS A 95 -16.86 -37.20 14.81
CA LYS A 95 -17.08 -36.67 13.48
CA LYS A 95 -17.09 -36.66 13.49
C LYS A 95 -16.10 -35.53 13.18
N ALA A 96 -15.73 -34.72 14.18
CA ALA A 96 -14.71 -33.70 13.89
C ALA A 96 -13.38 -34.36 13.55
N VAL A 97 -13.00 -35.42 14.30
CA VAL A 97 -11.72 -36.08 13.99
C VAL A 97 -11.75 -36.67 12.58
N GLU A 98 -12.85 -37.37 12.28
CA GLU A 98 -12.92 -38.00 10.97
C GLU A 98 -12.86 -36.96 9.85
N LEU A 99 -13.62 -35.86 9.99
CA LEU A 99 -13.60 -34.82 8.96
C LEU A 99 -12.22 -34.13 8.89
N ALA A 100 -11.57 -33.91 10.04
CA ALA A 100 -10.22 -33.30 9.95
C ALA A 100 -9.27 -34.22 9.17
N GLU A 101 -9.34 -35.53 9.45
CA GLU A 101 -8.48 -36.45 8.70
C GLU A 101 -8.82 -36.43 7.19
N ARG A 102 -10.11 -36.38 6.85
CA ARG A 102 -10.52 -36.41 5.45
CA ARG A 102 -10.51 -36.40 5.46
C ARG A 102 -10.06 -35.15 4.72
N LEU A 103 -10.26 -33.98 5.36
CA LEU A 103 -9.81 -32.76 4.68
C LEU A 103 -8.28 -32.76 4.55
N ALA A 104 -7.56 -33.20 5.60
CA ALA A 104 -6.10 -33.25 5.51
C ALA A 104 -5.68 -34.15 4.34
N HIS A 105 -6.40 -35.28 4.14
CA HIS A 105 -6.03 -36.21 3.09
CA HIS A 105 -5.99 -36.20 3.09
C HIS A 105 -6.18 -35.53 1.72
N GLU A 106 -7.21 -34.69 1.60
CA GLU A 106 -7.53 -34.07 0.32
C GLU A 106 -6.62 -32.87 0.06
N ALA A 107 -6.11 -32.24 1.13
CA ALA A 107 -5.32 -31.03 0.96
C ALA A 107 -3.91 -31.38 0.47
N PRO A 108 -3.27 -30.47 -0.29
CA PRO A 108 -1.97 -30.76 -0.87
C PRO A 108 -0.83 -30.69 0.15
N GLY A 109 0.33 -31.28 -0.24
CA GLY A 109 1.54 -31.16 0.55
C GLY A 109 1.34 -31.58 2.01
N ASP A 110 1.91 -30.75 2.89
CA ASP A 110 1.86 -31.08 4.32
C ASP A 110 0.76 -30.29 5.04
N LEU A 111 -0.27 -29.88 4.28
CA LEU A 111 -1.43 -29.21 4.88
CA LEU A 111 -1.41 -29.21 4.91
C LEU A 111 -2.29 -30.24 5.60
N ASN A 112 -1.95 -30.51 6.85
CA ASN A 112 -2.47 -31.69 7.52
C ASN A 112 -3.20 -31.30 8.80
N LYS A 113 -3.15 -30.02 9.22
CA LYS A 113 -3.79 -29.67 10.49
C LYS A 113 -5.04 -28.82 10.18
N VAL A 114 -6.17 -29.22 10.77
CA VAL A 114 -7.43 -28.55 10.45
C VAL A 114 -7.94 -27.82 11.68
N PHE A 115 -8.01 -26.47 11.56
CA PHE A 115 -8.57 -25.64 12.63
C PHE A 115 -9.96 -25.22 12.22
N PHE A 116 -10.98 -25.88 12.81
CA PHE A 116 -12.34 -25.63 12.34
C PHE A 116 -12.91 -24.29 12.85
N THR A 117 -13.74 -23.72 11.96
CA THR A 117 -14.51 -22.52 12.26
C THR A 117 -15.97 -22.75 11.88
N THR A 118 -16.81 -21.70 11.95
CA THR A 118 -18.14 -21.83 11.37
CA THR A 118 -18.14 -21.83 11.37
C THR A 118 -18.21 -21.12 10.02
N GLY A 119 -17.47 -20.00 9.86
CA GLY A 119 -17.59 -19.24 8.62
C GLY A 119 -16.21 -18.91 7.99
N GLY A 120 -16.28 -18.29 6.81
CA GLY A 120 -15.06 -17.96 6.08
C GLY A 120 -14.31 -16.77 6.71
N GLY A 121 -15.04 -15.73 7.13
CA GLY A 121 -14.38 -14.59 7.81
C GLY A 121 -13.64 -15.11 9.07
N GLU A 122 -14.29 -16.00 9.83
CA GLU A 122 -13.65 -16.60 11.02
C GLU A 122 -12.38 -17.34 10.63
N ALA A 123 -12.39 -18.03 9.46
CA ALA A 123 -11.20 -18.73 9.01
C ALA A 123 -10.09 -17.75 8.62
N VAL A 124 -10.44 -16.68 7.87
CA VAL A 124 -9.48 -15.61 7.53
C VAL A 124 -8.84 -15.02 8.77
N GLU A 125 -9.64 -14.74 9.79
CA GLU A 125 -9.10 -14.23 11.06
C GLU A 125 -8.12 -15.25 11.64
N THR A 126 -8.49 -16.54 11.59
CA THR A 126 -7.63 -17.60 12.11
C THR A 126 -6.28 -17.54 11.37
N ALA A 127 -6.30 -17.48 10.05
CA ALA A 127 -5.06 -17.51 9.27
C ALA A 127 -4.14 -16.35 9.66
N TRP A 128 -4.68 -15.12 9.79
CA TRP A 128 -3.80 -14.00 10.07
C TRP A 128 -3.26 -14.12 11.50
N LYS A 129 -4.14 -14.46 12.47
CA LYS A 129 -3.66 -14.66 13.85
C LYS A 129 -2.58 -15.75 13.90
N LEU A 130 -2.82 -16.88 13.22
CA LEU A 130 -1.82 -17.97 13.26
C LEU A 130 -0.48 -17.46 12.70
N ALA A 131 -0.53 -16.71 11.58
CA ALA A 131 0.73 -16.18 11.04
C ALA A 131 1.45 -15.29 12.05
N LYS A 132 0.70 -14.42 12.78
CA LYS A 132 1.34 -13.51 13.72
CA LYS A 132 1.33 -13.51 13.73
C LYS A 132 2.00 -14.32 14.85
N GLN A 133 1.26 -15.30 15.43
CA GLN A 133 1.84 -16.03 16.54
C GLN A 133 2.97 -16.92 16.05
N TYR A 134 2.83 -17.51 14.87
CA TYR A 134 3.91 -18.34 14.34
C TYR A 134 5.24 -17.54 14.29
N PHE A 135 5.19 -16.32 13.76
CA PHE A 135 6.42 -15.55 13.63
C PHE A 135 6.90 -15.12 15.02
N LYS A 136 6.03 -14.90 16.01
CA LYS A 136 6.55 -14.65 17.35
C LYS A 136 7.27 -15.90 17.88
N LEU A 137 6.68 -17.09 17.70
CA LEU A 137 7.25 -18.31 18.26
C LEU A 137 8.56 -18.67 17.57
N THR A 138 8.81 -18.17 16.35
CA THR A 138 10.01 -18.54 15.60
C THR A 138 11.01 -17.38 15.53
N GLY A 139 10.85 -16.38 16.39
CA GLY A 139 11.88 -15.36 16.61
C GLY A 139 11.90 -14.29 15.52
N LYS A 140 10.75 -14.08 14.83
CA LYS A 140 10.60 -13.01 13.86
C LYS A 140 9.41 -12.13 14.25
N PRO A 141 9.49 -11.46 15.43
CA PRO A 141 8.31 -10.84 16.04
C PRO A 141 7.77 -9.63 15.27
N THR A 142 8.57 -9.05 14.37
CA THR A 142 8.09 -7.89 13.63
C THR A 142 7.19 -8.28 12.46
N LYS A 143 7.09 -9.58 12.14
CA LYS A 143 6.27 -9.96 10.98
C LYS A 143 4.78 -9.90 11.35
N HIS A 144 4.04 -8.96 10.74
CA HIS A 144 2.61 -8.87 11.06
C HIS A 144 1.78 -8.40 9.88
N LYS A 145 2.36 -7.84 8.81
CA LYS A 145 1.54 -7.19 7.81
C LYS A 145 0.99 -8.24 6.85
N VAL A 146 -0.02 -7.82 6.07
CA VAL A 146 -0.69 -8.74 5.16
C VAL A 146 -0.91 -8.03 3.82
N ILE A 147 -0.82 -8.76 2.73
CA ILE A 147 -1.03 -8.21 1.39
CA ILE A 147 -1.01 -8.23 1.38
C ILE A 147 -2.19 -8.95 0.76
N SER A 148 -3.03 -8.17 0.07
CA SER A 148 -4.14 -8.78 -0.68
C SER A 148 -4.50 -7.85 -1.83
N ARG A 149 -5.46 -8.25 -2.67
CA ARG A 149 -5.70 -7.57 -3.92
C ARG A 149 -6.85 -6.56 -3.83
N ALA A 150 -6.66 -5.47 -4.58
CA ALA A 150 -7.75 -4.51 -4.79
C ALA A 150 -9.03 -5.19 -5.26
N VAL A 151 -10.15 -4.79 -4.64
CA VAL A 151 -11.52 -5.21 -5.00
C VAL A 151 -11.84 -6.56 -4.37
N ALA A 152 -10.85 -7.26 -3.76
CA ALA A 152 -11.20 -8.59 -3.24
C ALA A 152 -12.02 -8.51 -1.94
N TYR A 153 -12.92 -9.49 -1.76
CA TYR A 153 -13.72 -9.56 -0.54
C TYR A 153 -13.27 -10.76 0.27
N HIS A 154 -12.80 -10.52 1.51
CA HIS A 154 -12.25 -11.54 2.38
C HIS A 154 -13.02 -11.61 3.70
N GLY A 155 -14.19 -10.96 3.75
CA GLY A 155 -15.03 -11.06 4.95
C GLY A 155 -15.10 -9.79 5.79
N THR A 156 -15.89 -9.90 6.88
CA THR A 156 -16.35 -8.69 7.59
C THR A 156 -15.91 -8.55 9.05
N PRO A 157 -15.47 -9.56 9.85
CA PRO A 157 -14.91 -9.22 11.15
C PRO A 157 -13.74 -8.27 10.94
N GLN A 158 -13.36 -7.47 11.93
CA GLN A 158 -12.51 -6.34 11.57
C GLN A 158 -11.10 -6.73 11.13
N GLY A 159 -10.57 -7.88 11.55
CA GLY A 159 -9.28 -8.30 10.97
C GLY A 159 -9.45 -8.72 9.50
N ALA A 160 -10.41 -9.62 9.25
CA ALA A 160 -10.67 -10.00 7.85
C ALA A 160 -11.02 -8.77 6.99
N LEU A 161 -11.72 -7.78 7.57
CA LEU A 161 -12.11 -6.60 6.81
C LEU A 161 -10.89 -5.75 6.42
N SER A 162 -9.82 -5.81 7.23
CA SER A 162 -8.59 -5.11 6.85
C SER A 162 -8.03 -5.74 5.59
N ILE A 163 -8.14 -7.09 5.49
CA ILE A 163 -7.64 -7.81 4.30
C ILE A 163 -8.57 -7.59 3.09
N THR A 164 -9.90 -7.47 3.33
CA THR A 164 -10.81 -7.03 2.27
C THR A 164 -10.31 -5.76 1.59
N GLY A 165 -10.49 -5.71 0.25
CA GLY A 165 -9.96 -4.62 -0.55
C GLY A 165 -11.05 -3.79 -1.22
N LEU A 166 -12.19 -3.64 -0.54
CA LEU A 166 -13.31 -2.85 -1.04
C LEU A 166 -13.49 -1.70 -0.08
N PRO A 167 -12.97 -0.49 -0.40
CA PRO A 167 -13.02 0.60 0.56
C PRO A 167 -14.42 0.97 1.00
N ALA A 168 -15.43 0.82 0.11
CA ALA A 168 -16.78 1.18 0.55
C ALA A 168 -17.20 0.36 1.77
N LEU A 169 -16.68 -0.86 1.92
CA LEU A 169 -17.07 -1.71 3.05
CA LEU A 169 -17.02 -1.77 3.04
C LEU A 169 -16.24 -1.41 4.29
N LYS A 170 -15.27 -0.49 4.17
CA LYS A 170 -14.25 -0.33 5.23
C LYS A 170 -14.33 1.09 5.80
N ALA A 171 -14.56 2.12 4.94
CA ALA A 171 -14.44 3.51 5.42
C ALA A 171 -15.30 3.80 6.66
N PRO A 172 -16.53 3.26 6.82
CA PRO A 172 -17.30 3.63 8.01
C PRO A 172 -16.74 3.06 9.31
N PHE A 173 -15.83 2.11 9.19
CA PHE A 173 -15.39 1.30 10.32
C PHE A 173 -13.92 1.55 10.64
N GLU A 174 -13.18 2.31 9.83
CA GLU A 174 -11.77 2.55 10.14
C GLU A 174 -11.64 3.37 11.42
N PRO A 175 -10.54 3.19 12.18
CA PRO A 175 -9.39 2.38 11.81
C PRO A 175 -9.62 0.90 12.16
N LEU A 176 -9.00 0.05 11.34
CA LEU A 176 -9.17 -1.39 11.50
C LEU A 176 -7.86 -1.94 12.09
N VAL A 177 -7.51 -3.19 11.79
CA VAL A 177 -6.28 -3.75 12.32
C VAL A 177 -5.14 -3.25 11.45
N PRO A 178 -4.07 -2.67 12.03
CA PRO A 178 -3.01 -2.18 11.18
C PRO A 178 -2.31 -3.33 10.45
N GLY A 179 -1.77 -2.98 9.27
CA GLY A 179 -0.84 -3.89 8.65
C GLY A 179 -1.28 -4.38 7.27
N ALA A 180 -2.45 -3.95 6.79
CA ALA A 180 -2.96 -4.52 5.53
C ALA A 180 -2.63 -3.55 4.37
N HIS A 181 -2.08 -4.12 3.29
CA HIS A 181 -1.65 -3.35 2.14
C HIS A 181 -2.16 -4.03 0.88
N LYS A 182 -2.52 -3.18 -0.10
CA LYS A 182 -3.12 -3.72 -1.32
C LYS A 182 -2.21 -3.65 -2.54
N VAL A 183 -2.47 -4.59 -3.45
CA VAL A 183 -1.79 -4.65 -4.75
C VAL A 183 -2.84 -4.83 -5.85
N PRO A 184 -2.52 -4.63 -7.14
CA PRO A 184 -3.50 -4.79 -8.21
C PRO A 184 -4.05 -6.21 -8.27
N ASN A 185 -5.29 -6.28 -8.76
CA ASN A 185 -5.91 -7.57 -9.03
C ASN A 185 -5.47 -7.98 -10.45
N THR A 186 -5.92 -9.18 -10.86
CA THR A 186 -5.45 -9.70 -12.15
C THR A 186 -6.53 -9.57 -13.22
N ASN A 187 -7.21 -8.43 -13.24
CA ASN A 187 -8.25 -8.18 -14.24
C ASN A 187 -7.66 -7.82 -15.59
N ILE A 188 -7.29 -8.83 -16.37
CA ILE A 188 -6.55 -8.59 -17.61
C ILE A 188 -7.42 -7.82 -18.60
N TYR A 189 -8.75 -7.97 -18.51
CA TYR A 189 -9.65 -7.24 -19.42
C TYR A 189 -9.40 -5.72 -19.36
N ARG A 190 -8.99 -5.21 -18.19
CA ARG A 190 -8.73 -3.79 -18.08
C ARG A 190 -7.30 -3.50 -17.65
N ALA A 191 -6.39 -4.41 -17.98
CA ALA A 191 -4.99 -4.27 -17.60
C ALA A 191 -4.42 -2.96 -18.16
N PRO A 192 -3.78 -2.09 -17.34
CA PRO A 192 -3.09 -0.91 -17.87
C PRO A 192 -1.85 -1.24 -18.70
N LEU A 193 -1.20 -2.36 -18.34
CA LEU A 193 -0.03 -2.87 -19.03
CA LEU A 193 -0.06 -2.86 -19.10
C LEU A 193 -0.23 -4.36 -19.33
N PHE A 194 0.26 -4.82 -20.48
CA PHE A 194 0.39 -6.24 -20.82
C PHE A 194 -0.97 -6.91 -21.07
N GLY A 195 -1.98 -6.12 -21.43
CA GLY A 195 -3.33 -6.64 -21.60
C GLY A 195 -3.41 -7.73 -22.68
N ASP A 196 -2.48 -7.68 -23.65
CA ASP A 196 -2.51 -8.61 -24.77
CA ASP A 196 -2.49 -8.59 -24.79
C ASP A 196 -1.53 -9.74 -24.54
N ASP A 197 -0.96 -9.84 -23.33
CA ASP A 197 0.03 -10.87 -23.11
C ASP A 197 -0.17 -11.49 -21.73
N PRO A 198 -1.00 -12.55 -21.61
CA PRO A 198 -1.31 -13.13 -20.30
C PRO A 198 -0.10 -13.49 -19.46
N GLU A 199 0.94 -14.09 -20.06
CA GLU A 199 2.12 -14.52 -19.34
CA GLU A 199 2.10 -14.52 -19.31
C GLU A 199 2.84 -13.31 -18.73
N ALA A 200 3.03 -12.26 -19.54
CA ALA A 200 3.71 -11.07 -19.06
C ALA A 200 2.84 -10.36 -18.01
N PHE A 201 1.52 -10.36 -18.23
CA PHE A 201 0.61 -9.74 -17.26
C PHE A 201 0.69 -10.50 -15.93
N GLY A 202 0.72 -11.84 -15.97
CA GLY A 202 0.83 -12.65 -14.77
C GLY A 202 2.10 -12.33 -13.97
N ARG A 203 3.23 -12.20 -14.68
CA ARG A 203 4.50 -11.91 -14.02
C ARG A 203 4.44 -10.51 -13.40
N TRP A 204 3.94 -9.53 -14.14
CA TRP A 204 3.77 -8.19 -13.63
C TRP A 204 2.90 -8.20 -12.37
N ALA A 205 1.77 -8.90 -12.43
CA ALA A 205 0.81 -8.76 -11.32
C ALA A 205 1.38 -9.45 -10.08
N ALA A 206 2.09 -10.56 -10.27
CA ALA A 206 2.71 -11.23 -9.14
C ALA A 206 3.83 -10.35 -8.56
N ASP A 207 4.64 -9.78 -9.46
CA ASP A 207 5.74 -8.93 -9.00
C ASP A 207 5.24 -7.72 -8.20
N GLN A 208 3.99 -7.27 -8.39
CA GLN A 208 3.48 -6.17 -7.56
C GLN A 208 3.45 -6.59 -6.08
N ILE A 209 3.30 -7.89 -5.83
CA ILE A 209 3.35 -8.39 -4.45
C ILE A 209 4.77 -8.23 -3.89
N GLU A 210 5.80 -8.66 -4.66
CA GLU A 210 7.17 -8.42 -4.22
C GLU A 210 7.40 -6.92 -3.94
N GLN A 211 6.90 -6.07 -4.83
CA GLN A 211 7.17 -4.64 -4.66
C GLN A 211 6.57 -4.17 -3.33
N GLN A 212 5.36 -4.62 -3.00
CA GLN A 212 4.74 -4.13 -1.75
C GLN A 212 5.49 -4.69 -0.54
N ILE A 213 5.99 -5.93 -0.64
CA ILE A 213 6.80 -6.50 0.44
C ILE A 213 8.05 -5.61 0.65
N LEU A 214 8.73 -5.28 -0.44
CA LEU A 214 9.89 -4.41 -0.34
C LEU A 214 9.53 -3.04 0.20
N PHE A 215 8.38 -2.47 -0.21
CA PHE A 215 8.00 -1.14 0.22
C PHE A 215 7.80 -1.12 1.74
N GLU A 216 7.25 -2.19 2.32
CA GLU A 216 6.96 -2.16 3.75
C GLU A 216 8.05 -2.79 4.59
N GLY A 217 8.99 -3.51 3.92
CA GLY A 217 10.05 -4.17 4.66
C GLY A 217 9.71 -5.64 4.85
N PRO A 218 10.41 -6.60 4.21
CA PRO A 218 10.00 -8.00 4.30
C PRO A 218 9.94 -8.54 5.74
N GLU A 219 10.83 -8.04 6.64
CA GLU A 219 10.84 -8.48 8.03
CA GLU A 219 10.84 -8.50 8.02
C GLU A 219 9.61 -8.02 8.79
N THR A 220 8.76 -7.22 8.16
CA THR A 220 7.52 -6.79 8.82
C THR A 220 6.29 -7.49 8.21
N VAL A 221 6.47 -8.26 7.14
CA VAL A 221 5.32 -8.82 6.40
C VAL A 221 5.17 -10.30 6.76
N ALA A 222 3.92 -10.67 7.12
CA ALA A 222 3.61 -12.03 7.55
C ALA A 222 2.96 -12.88 6.47
N ALA A 223 2.04 -12.32 5.69
CA ALA A 223 1.25 -13.21 4.84
C ALA A 223 0.69 -12.46 3.62
N VAL A 224 0.39 -13.26 2.57
CA VAL A 224 -0.32 -12.81 1.37
C VAL A 224 -1.61 -13.64 1.28
N PHE A 225 -2.75 -12.98 1.09
CA PHE A 225 -4.04 -13.69 0.97
C PHE A 225 -4.56 -13.49 -0.46
N LEU A 226 -4.84 -14.63 -1.12
CA LEU A 226 -5.30 -14.57 -2.52
C LEU A 226 -6.37 -15.66 -2.74
N GLU A 227 -7.45 -15.26 -3.43
CA GLU A 227 -8.43 -16.25 -3.88
C GLU A 227 -7.86 -16.91 -5.12
N PRO A 228 -8.17 -18.20 -5.34
CA PRO A 228 -7.70 -18.84 -6.58
C PRO A 228 -8.26 -18.14 -7.81
N VAL A 229 -9.58 -17.90 -7.83
CA VAL A 229 -10.26 -17.07 -8.83
C VAL A 229 -10.96 -15.96 -8.06
N GLN A 230 -10.61 -14.70 -8.35
CA GLN A 230 -11.12 -13.60 -7.51
C GLN A 230 -12.59 -13.40 -7.81
N ASN A 231 -13.39 -13.39 -6.73
CA ASN A 231 -14.82 -13.21 -6.86
C ASN A 231 -15.19 -11.75 -7.16
N ALA A 232 -15.01 -10.87 -6.14
CA ALA A 232 -15.48 -9.50 -6.33
C ALA A 232 -14.66 -8.77 -7.42
N GLY A 233 -15.37 -8.06 -8.33
CA GLY A 233 -14.86 -7.57 -9.63
C GLY A 233 -15.25 -8.45 -10.81
N GLY A 234 -15.64 -9.70 -10.57
CA GLY A 234 -16.27 -10.51 -11.62
C GLY A 234 -15.45 -11.67 -12.12
N CYS A 235 -14.93 -12.54 -11.23
CA CYS A 235 -14.36 -13.86 -11.63
CA CYS A 235 -14.38 -13.79 -11.65
C CYS A 235 -13.07 -13.65 -12.41
N PHE A 236 -12.05 -13.06 -11.76
CA PHE A 236 -10.76 -12.99 -12.42
C PHE A 236 -10.00 -14.27 -12.18
N PRO A 237 -9.77 -15.17 -13.18
CA PRO A 237 -8.91 -16.31 -13.00
C PRO A 237 -7.44 -15.86 -12.95
N PRO A 238 -6.56 -16.72 -12.40
CA PRO A 238 -5.15 -16.34 -12.34
C PRO A 238 -4.53 -16.43 -13.73
N PRO A 239 -3.75 -15.43 -14.16
CA PRO A 239 -3.00 -15.57 -15.40
C PRO A 239 -2.04 -16.74 -15.32
N PRO A 240 -1.63 -17.28 -16.50
CA PRO A 240 -0.64 -18.34 -16.49
C PRO A 240 0.66 -17.89 -15.83
N GLY A 241 1.17 -18.78 -14.94
CA GLY A 241 2.45 -18.49 -14.30
C GLY A 241 2.32 -17.63 -13.02
N TYR A 242 1.12 -17.05 -12.78
CA TYR A 242 0.97 -16.11 -11.67
C TYR A 242 1.22 -16.75 -10.30
N PHE A 243 0.47 -17.82 -9.97
CA PHE A 243 0.63 -18.41 -8.67
C PHE A 243 2.03 -18.98 -8.46
N GLN A 244 2.68 -19.49 -9.51
CA GLN A 244 4.02 -20.02 -9.37
CA GLN A 244 4.03 -20.01 -9.37
C GLN A 244 4.96 -18.89 -8.95
N ARG A 245 4.80 -17.74 -9.57
CA ARG A 245 5.63 -16.58 -9.21
C ARG A 245 5.29 -16.10 -7.79
N VAL A 246 4.01 -16.05 -7.44
CA VAL A 246 3.67 -15.66 -6.07
C VAL A 246 4.34 -16.59 -5.07
N ARG A 247 4.24 -17.93 -5.30
CA ARG A 247 4.82 -18.87 -4.39
C ARG A 247 6.34 -18.61 -4.23
N GLU A 248 7.02 -18.35 -5.36
CA GLU A 248 8.45 -18.03 -5.31
C GLU A 248 8.75 -16.79 -4.47
N ILE A 249 7.96 -15.74 -4.65
CA ILE A 249 8.14 -14.49 -3.91
C ILE A 249 7.92 -14.76 -2.42
N CYS A 250 6.86 -15.49 -2.08
CA CYS A 250 6.60 -15.77 -0.67
C CYS A 250 7.75 -16.57 -0.07
N ASP A 251 8.29 -17.56 -0.81
CA ASP A 251 9.44 -18.32 -0.30
C ASP A 251 10.64 -17.39 -0.08
N GLN A 252 10.90 -16.52 -1.04
CA GLN A 252 12.11 -15.68 -1.05
C GLN A 252 12.10 -14.79 0.19
N TYR A 253 10.91 -14.23 0.51
CA TYR A 253 10.82 -13.25 1.57
C TYR A 253 10.30 -13.80 2.89
N ASP A 254 10.12 -15.11 3.00
CA ASP A 254 9.64 -15.76 4.21
C ASP A 254 8.28 -15.15 4.60
N VAL A 255 7.36 -15.14 3.61
CA VAL A 255 6.00 -14.64 3.81
C VAL A 255 5.06 -15.82 3.54
N LEU A 256 4.00 -15.97 4.34
CA LEU A 256 3.12 -17.14 4.20
C LEU A 256 2.07 -16.89 3.12
N LEU A 257 1.75 -17.93 2.31
CA LEU A 257 0.72 -17.74 1.28
C LEU A 257 -0.58 -18.41 1.76
N VAL A 258 -1.65 -17.61 1.80
CA VAL A 258 -2.95 -18.11 2.22
C VAL A 258 -3.83 -18.13 1.00
N SER A 259 -4.31 -19.34 0.66
CA SER A 259 -5.23 -19.53 -0.43
C SER A 259 -6.63 -19.36 0.15
N ASP A 260 -7.32 -18.26 -0.20
CA ASP A 260 -8.63 -18.01 0.40
C ASP A 260 -9.65 -18.68 -0.50
N GLU A 261 -10.02 -19.91 -0.12
CA GLU A 261 -10.85 -20.78 -0.95
C GLU A 261 -12.29 -20.82 -0.44
N VAL A 262 -12.74 -19.80 0.28
CA VAL A 262 -14.11 -19.82 0.82
C VAL A 262 -15.15 -20.02 -0.29
N ILE A 263 -14.97 -19.39 -1.48
CA ILE A 263 -15.80 -19.72 -2.64
C ILE A 263 -15.23 -20.88 -3.44
N CYS A 264 -13.93 -20.89 -3.66
CA CYS A 264 -13.41 -21.76 -4.73
C CYS A 264 -13.27 -23.24 -4.33
N ALA A 265 -13.20 -23.59 -3.04
CA ALA A 265 -13.04 -24.98 -2.63
C ALA A 265 -14.34 -25.78 -2.81
N PHE A 266 -14.20 -27.10 -2.64
CA PHE A 266 -15.35 -28.02 -2.65
C PHE A 266 -16.05 -27.99 -4.01
N GLY A 267 -15.22 -28.13 -5.05
CA GLY A 267 -15.66 -28.50 -6.39
C GLY A 267 -16.06 -27.34 -7.30
N ARG A 268 -16.10 -26.10 -6.78
CA ARG A 268 -16.46 -24.97 -7.59
C ARG A 268 -15.58 -24.90 -8.87
N LEU A 269 -14.29 -25.30 -8.77
CA LEU A 269 -13.43 -25.30 -9.95
C LEU A 269 -13.05 -26.74 -10.32
N GLY A 270 -13.78 -27.71 -9.77
CA GLY A 270 -13.56 -29.10 -10.18
C GLY A 270 -12.56 -29.89 -9.32
N THR A 271 -12.02 -29.29 -8.23
CA THR A 271 -11.14 -30.01 -7.30
C THR A 271 -11.64 -29.75 -5.87
N THR A 272 -11.24 -30.60 -4.91
CA THR A 272 -11.65 -30.36 -3.53
C THR A 272 -11.06 -29.06 -3.01
N PHE A 273 -9.76 -28.89 -3.26
CA PHE A 273 -9.09 -27.65 -2.91
C PHE A 273 -8.66 -27.01 -4.21
N ALA A 274 -9.00 -25.74 -4.37
CA ALA A 274 -8.87 -25.06 -5.64
C ALA A 274 -7.41 -24.72 -5.97
N CYS A 275 -6.53 -24.63 -4.96
CA CYS A 275 -5.09 -24.45 -5.25
C CYS A 275 -4.59 -25.59 -6.15
N ASP A 276 -5.21 -26.77 -6.08
CA ASP A 276 -4.72 -27.88 -6.91
C ASP A 276 -5.13 -27.65 -8.37
N LYS A 277 -6.20 -26.90 -8.64
CA LYS A 277 -6.57 -26.60 -10.03
C LYS A 277 -5.47 -25.81 -10.72
N PHE A 278 -4.73 -24.98 -9.96
CA PHE A 278 -3.73 -24.10 -10.53
C PHE A 278 -2.31 -24.53 -10.16
N GLY A 279 -2.15 -25.67 -9.49
CA GLY A 279 -0.83 -26.29 -9.33
C GLY A 279 0.08 -25.52 -8.36
N TYR A 280 -0.49 -24.92 -7.31
CA TYR A 280 0.35 -24.30 -6.30
C TYR A 280 0.00 -24.86 -4.92
N VAL A 281 0.98 -24.87 -4.02
CA VAL A 281 0.76 -25.36 -2.67
C VAL A 281 0.90 -24.18 -1.71
N PRO A 282 -0.21 -23.66 -1.11
CA PRO A 282 -0.10 -22.56 -0.16
C PRO A 282 0.35 -23.06 1.20
N ASP A 283 0.59 -22.12 2.14
CA ASP A 283 0.89 -22.48 3.51
C ASP A 283 -0.37 -22.74 4.36
N MET A 284 -1.45 -22.06 3.97
CA MET A 284 -2.76 -22.26 4.62
C MET A 284 -3.85 -22.11 3.57
N ILE A 285 -4.97 -22.82 3.83
CA ILE A 285 -6.18 -22.66 3.04
C ILE A 285 -7.29 -22.22 3.99
N THR A 286 -8.06 -21.18 3.59
CA THR A 286 -9.30 -20.88 4.32
C THR A 286 -10.47 -21.36 3.46
N CYS A 287 -11.50 -21.93 4.13
CA CYS A 287 -12.61 -22.54 3.38
C CYS A 287 -13.84 -22.49 4.30
N ALA A 288 -15.02 -22.65 3.67
CA ALA A 288 -16.27 -22.64 4.43
C ALA A 288 -17.36 -23.03 3.44
N LYS A 289 -18.45 -22.25 3.32
CA LYS A 289 -19.43 -22.37 2.22
C LYS A 289 -19.74 -23.83 1.83
N GLY A 290 -19.19 -24.31 0.69
CA GLY A 290 -19.52 -25.63 0.11
C GLY A 290 -19.06 -26.87 0.88
N MET A 291 -18.39 -26.76 2.03
CA MET A 291 -17.92 -27.93 2.77
C MET A 291 -19.09 -28.87 3.05
N THR A 292 -20.28 -28.28 3.34
CA THR A 292 -21.50 -29.07 3.63
C THR A 292 -22.57 -28.82 2.54
N SER A 293 -22.17 -28.22 1.41
CA SER A 293 -23.16 -27.65 0.46
C SER A 293 -24.07 -26.67 1.19
N GLY A 294 -23.57 -26.07 2.28
CA GLY A 294 -24.34 -25.11 3.07
C GLY A 294 -25.35 -25.76 4.01
N TYR A 295 -25.40 -27.10 4.14
CA TYR A 295 -26.52 -27.64 4.90
C TYR A 295 -26.32 -27.48 6.40
N SER A 296 -25.10 -27.14 6.88
CA SER A 296 -24.95 -26.90 8.32
C SER A 296 -23.68 -26.06 8.45
N PRO A 297 -23.68 -24.92 9.16
CA PRO A 297 -22.47 -24.05 9.14
C PRO A 297 -21.21 -24.69 9.71
N ILE A 298 -20.14 -24.62 8.90
CA ILE A 298 -18.80 -25.04 9.29
C ILE A 298 -17.83 -24.52 8.22
N GLY A 299 -16.61 -24.22 8.65
CA GLY A 299 -15.49 -23.91 7.77
C GLY A 299 -14.19 -24.34 8.43
N ALA A 300 -13.05 -23.93 7.83
CA ALA A 300 -11.78 -24.33 8.42
C ALA A 300 -10.64 -23.46 7.88
N CYS A 301 -9.62 -23.35 8.73
CA CYS A 301 -8.30 -22.96 8.25
C CYS A 301 -7.48 -24.23 8.28
N ILE A 302 -6.93 -24.61 7.13
CA ILE A 302 -6.12 -25.83 7.03
C ILE A 302 -4.67 -25.37 6.91
N ILE A 303 -3.80 -25.96 7.75
CA ILE A 303 -2.50 -25.35 8.06
C ILE A 303 -1.40 -26.38 7.81
N SER A 304 -0.30 -25.87 7.22
CA SER A 304 0.88 -26.68 6.97
CA SER A 304 0.85 -26.72 6.97
C SER A 304 1.45 -27.21 8.28
N ASP A 305 1.96 -28.46 8.25
CA ASP A 305 2.65 -28.97 9.42
C ASP A 305 3.89 -28.16 9.79
N ARG A 306 4.52 -27.50 8.81
CA ARG A 306 5.67 -26.64 9.08
CA ARG A 306 5.66 -26.64 9.09
C ARG A 306 5.26 -25.51 10.04
N LEU A 307 4.08 -24.90 9.78
CA LEU A 307 3.60 -23.83 10.63
C LEU A 307 3.17 -24.38 11.99
N ALA A 308 2.57 -25.59 12.01
CA ALA A 308 2.11 -26.12 13.27
C ALA A 308 3.28 -26.50 14.21
N GLU A 309 4.45 -26.83 13.64
CA GLU A 309 5.55 -27.38 14.43
CA GLU A 309 5.54 -27.39 14.43
C GLU A 309 5.78 -26.63 15.74
N PRO A 310 6.04 -25.29 15.77
CA PRO A 310 6.34 -24.63 17.03
C PRO A 310 5.20 -24.68 18.04
N PHE A 311 3.97 -24.68 17.52
CA PHE A 311 2.86 -24.70 18.43
C PHE A 311 2.68 -26.07 19.05
N TYR A 312 3.21 -27.15 18.44
CA TYR A 312 3.04 -28.50 18.92
C TYR A 312 4.20 -28.89 19.85
N GLN A 313 5.08 -27.93 20.15
CA GLN A 313 6.22 -28.19 21.05
C GLN A 313 5.93 -27.63 22.43
N GLY A 314 6.06 -28.47 23.46
CA GLY A 314 6.03 -28.02 24.84
C GLY A 314 4.78 -27.24 25.22
N ASP A 315 5.02 -26.18 25.96
CA ASP A 315 3.91 -25.48 26.57
C ASP A 315 3.59 -24.29 25.67
N ASN A 316 3.19 -24.60 24.45
CA ASN A 316 2.76 -23.55 23.54
C ASN A 316 1.32 -23.89 23.13
N THR A 317 0.52 -22.83 22.90
CA THR A 317 -0.88 -23.02 22.54
C THR A 317 -1.23 -21.89 21.57
N PHE A 318 -1.89 -22.25 20.48
CA PHE A 318 -2.53 -21.27 19.61
C PHE A 318 -3.77 -20.78 20.35
N LEU A 319 -3.72 -19.55 20.87
CA LEU A 319 -4.74 -19.13 21.82
CA LEU A 319 -4.70 -19.03 21.78
C LEU A 319 -5.87 -18.52 20.96
N HIS A 320 -6.69 -19.42 20.40
CA HIS A 320 -7.69 -18.98 19.45
C HIS A 320 -8.74 -20.10 19.42
N GLY A 321 -9.99 -19.73 19.08
CA GLY A 321 -11.05 -20.75 19.10
C GLY A 321 -12.40 -20.07 18.85
N TYR A 322 -13.40 -20.94 18.63
CA TYR A 322 -14.79 -20.57 18.41
C TYR A 322 -15.65 -21.66 19.01
N THR A 323 -16.64 -21.27 19.83
CA THR A 323 -17.52 -22.24 20.45
C THR A 323 -17.98 -23.32 19.48
N PHE A 324 -18.54 -22.87 18.34
CA PHE A 324 -19.20 -23.81 17.42
C PHE A 324 -18.27 -24.36 16.36
N GLY A 325 -16.96 -24.06 16.44
CA GLY A 325 -16.10 -24.69 15.44
C GLY A 325 -16.04 -26.22 15.54
N GLY A 326 -16.18 -26.88 14.39
CA GLY A 326 -16.08 -28.36 14.38
C GLY A 326 -17.33 -29.07 14.89
N HIS A 327 -18.45 -28.31 14.85
CA HIS A 327 -19.73 -28.72 15.42
C HIS A 327 -20.04 -30.18 15.01
N PRO A 328 -20.45 -31.08 15.95
CA PRO A 328 -20.73 -32.47 15.54
C PRO A 328 -21.74 -32.60 14.38
N VAL A 329 -22.86 -31.84 14.41
CA VAL A 329 -23.83 -32.02 13.34
C VAL A 329 -23.22 -31.53 12.02
N SER A 330 -22.55 -30.36 12.08
CA SER A 330 -21.99 -29.85 10.84
C SER A 330 -20.91 -30.79 10.29
N SER A 331 -20.13 -31.39 11.19
CA SER A 331 -19.06 -32.30 10.75
C SER A 331 -19.73 -33.52 10.11
N ALA A 332 -20.76 -34.09 10.73
CA ALA A 332 -21.44 -35.25 10.13
C ALA A 332 -22.03 -34.90 8.77
N VAL A 333 -22.61 -33.70 8.65
CA VAL A 333 -23.18 -33.29 7.37
C VAL A 333 -22.06 -33.09 6.32
N ALA A 334 -20.92 -32.49 6.72
CA ALA A 334 -19.84 -32.34 5.77
C ALA A 334 -19.37 -33.71 5.25
N LEU A 335 -19.26 -34.68 6.16
CA LEU A 335 -18.79 -36.01 5.71
C LEU A 335 -19.81 -36.61 4.74
N ALA A 336 -21.12 -36.41 5.03
CA ALA A 336 -22.14 -36.94 4.13
C ALA A 336 -22.12 -36.17 2.79
N ASN A 337 -21.81 -34.88 2.83
CA ASN A 337 -21.70 -34.13 1.58
C ASN A 337 -20.51 -34.65 0.77
N LEU A 338 -19.38 -34.90 1.40
CA LEU A 338 -18.21 -35.41 0.65
C LEU A 338 -18.54 -36.80 0.09
N ASP A 339 -19.33 -37.59 0.81
CA ASP A 339 -19.79 -38.87 0.27
C ASP A 339 -20.61 -38.68 -1.01
N ILE A 340 -21.50 -37.68 -1.07
CA ILE A 340 -22.18 -37.39 -2.32
C ILE A 340 -21.16 -37.08 -3.40
N PHE A 341 -20.23 -36.16 -3.10
CA PHE A 341 -19.25 -35.80 -4.10
C PHE A 341 -18.53 -37.03 -4.64
N ASP A 342 -18.15 -37.95 -3.78
CA ASP A 342 -17.42 -39.13 -4.25
C ASP A 342 -18.33 -40.02 -5.09
N ARG A 343 -19.55 -40.29 -4.60
CA ARG A 343 -20.38 -41.26 -5.31
CA ARG A 343 -20.40 -41.26 -5.30
C ARG A 343 -20.88 -40.69 -6.64
N GLU A 344 -21.17 -39.39 -6.69
CA GLU A 344 -21.68 -38.78 -7.91
C GLU A 344 -20.58 -38.27 -8.81
N GLY A 345 -19.33 -38.28 -8.31
CA GLY A 345 -18.20 -37.78 -9.10
C GLY A 345 -18.35 -36.29 -9.44
N LEU A 346 -18.76 -35.47 -8.47
CA LEU A 346 -19.06 -34.08 -8.79
C LEU A 346 -17.83 -33.29 -9.22
N ASN A 347 -16.66 -33.56 -8.65
CA ASN A 347 -15.45 -32.84 -9.03
C ASN A 347 -15.18 -33.07 -10.53
N GLN A 348 -15.16 -34.36 -10.95
CA GLN A 348 -14.87 -34.68 -12.35
C GLN A 348 -15.96 -34.16 -13.26
N HIS A 349 -17.21 -34.14 -12.78
CA HIS A 349 -18.29 -33.60 -13.58
C HIS A 349 -18.01 -32.13 -13.91
N VAL A 350 -17.52 -31.36 -12.92
CA VAL A 350 -17.22 -29.97 -13.20
C VAL A 350 -16.06 -29.85 -14.19
N LEU A 351 -15.00 -30.64 -13.99
CA LEU A 351 -13.91 -30.60 -14.96
C LEU A 351 -14.39 -30.96 -16.36
N ASP A 352 -15.29 -31.96 -16.45
CA ASP A 352 -15.76 -32.40 -17.75
C ASP A 352 -16.71 -31.41 -18.42
N ASN A 353 -17.33 -30.51 -17.62
CA ASN A 353 -18.36 -29.60 -18.15
C ASN A 353 -17.93 -28.12 -18.18
N GLU A 354 -16.78 -27.80 -17.59
CA GLU A 354 -16.38 -26.38 -17.51
C GLU A 354 -16.20 -25.79 -18.91
N GLY A 355 -15.62 -26.58 -19.83
CA GLY A 355 -15.40 -26.02 -21.17
C GLY A 355 -16.70 -25.65 -21.88
N THR A 356 -17.72 -26.52 -21.81
CA THR A 356 -18.97 -26.23 -22.49
C THR A 356 -19.76 -25.15 -21.73
N PHE A 357 -19.59 -25.07 -20.41
CA PHE A 357 -20.26 -23.96 -19.72
C PHE A 357 -19.71 -22.62 -20.20
N PHE A 358 -18.39 -22.51 -20.22
CA PHE A 358 -17.75 -21.28 -20.68
C PHE A 358 -18.15 -20.98 -22.13
N ALA A 359 -18.03 -22.01 -23.01
CA ALA A 359 -18.33 -21.74 -24.42
C ALA A 359 -19.78 -21.34 -24.64
N THR A 360 -20.70 -21.91 -23.83
CA THR A 360 -22.12 -21.59 -23.91
C THR A 360 -22.32 -20.11 -23.56
N LEU A 361 -21.68 -19.66 -22.46
CA LEU A 361 -21.78 -18.26 -22.07
C LEU A 361 -21.12 -17.35 -23.12
N GLN A 362 -20.03 -17.84 -23.74
CA GLN A 362 -19.38 -17.00 -24.74
C GLN A 362 -20.25 -16.74 -25.97
N LYS A 363 -21.33 -17.54 -26.15
CA LYS A 363 -22.27 -17.18 -27.21
C LYS A 363 -22.80 -15.75 -27.03
N LEU A 364 -22.88 -15.23 -25.79
CA LEU A 364 -23.41 -13.89 -25.54
C LEU A 364 -22.47 -12.79 -26.06
N HIS A 365 -21.28 -13.15 -26.58
CA HIS A 365 -20.42 -12.12 -27.14
C HIS A 365 -20.98 -11.50 -28.41
N ASP A 366 -22.04 -12.09 -29.00
CA ASP A 366 -22.58 -11.37 -30.15
C ASP A 366 -23.58 -10.30 -29.75
N LEU A 367 -23.78 -10.06 -28.45
CA LEU A 367 -24.65 -8.98 -28.00
C LEU A 367 -23.83 -7.73 -27.75
N PRO A 368 -24.30 -6.54 -28.16
CA PRO A 368 -23.49 -5.33 -28.01
C PRO A 368 -23.20 -4.94 -26.56
N ILE A 369 -24.08 -5.35 -25.61
CA ILE A 369 -23.87 -4.94 -24.22
C ILE A 369 -22.80 -5.80 -23.52
N VAL A 370 -22.39 -6.90 -24.13
CA VAL A 370 -21.48 -7.83 -23.49
C VAL A 370 -20.04 -7.48 -23.86
N GLY A 371 -19.22 -7.12 -22.85
CA GLY A 371 -17.84 -6.78 -23.11
C GLY A 371 -16.89 -7.95 -22.86
N ASP A 372 -17.15 -8.76 -21.82
CA ASP A 372 -16.26 -9.85 -21.44
C ASP A 372 -17.08 -11.00 -20.87
N VAL A 373 -16.55 -12.21 -21.04
CA VAL A 373 -17.03 -13.41 -20.39
C VAL A 373 -15.78 -14.10 -19.88
N ARG A 374 -15.73 -14.33 -18.55
CA ARG A 374 -14.49 -14.81 -17.97
C ARG A 374 -14.78 -15.68 -16.74
N GLY A 375 -13.86 -16.57 -16.43
CA GLY A 375 -14.01 -17.39 -15.23
C GLY A 375 -13.32 -18.73 -15.40
N ASN A 376 -13.81 -19.73 -14.64
CA ASN A 376 -13.13 -21.02 -14.61
C ASN A 376 -14.08 -22.01 -13.91
N GLY A 377 -14.03 -23.30 -14.26
CA GLY A 377 -14.84 -24.26 -13.52
C GLY A 377 -16.33 -23.96 -13.73
N PHE A 378 -17.10 -23.87 -12.63
CA PHE A 378 -18.49 -23.43 -12.67
C PHE A 378 -18.61 -22.06 -12.00
N PHE A 379 -17.73 -21.15 -12.39
CA PHE A 379 -17.76 -19.81 -11.78
C PHE A 379 -17.40 -18.78 -12.87
N TYR A 380 -18.36 -17.93 -13.24
CA TYR A 380 -18.21 -17.05 -14.41
C TYR A 380 -18.76 -15.65 -14.13
N GLY A 381 -18.08 -14.67 -14.75
CA GLY A 381 -18.59 -13.30 -14.77
C GLY A 381 -18.80 -12.85 -16.22
N ILE A 382 -19.84 -12.05 -16.40
CA ILE A 382 -20.13 -11.43 -17.71
C ILE A 382 -20.08 -9.92 -17.48
N GLU A 383 -19.10 -9.24 -18.09
CA GLU A 383 -18.97 -7.81 -17.85
C GLU A 383 -19.77 -7.04 -18.91
N LEU A 384 -20.58 -6.09 -18.47
CA LEU A 384 -21.43 -5.29 -19.36
C LEU A 384 -20.74 -3.97 -19.67
N VAL A 385 -20.95 -3.48 -20.91
CA VAL A 385 -20.23 -2.30 -21.39
C VAL A 385 -21.20 -1.46 -22.24
N LYS A 386 -20.87 -0.17 -22.35
CA LYS A 386 -21.58 0.74 -23.25
C LYS A 386 -21.04 0.57 -24.68
N ASP A 387 -19.77 0.20 -24.82
CA ASP A 387 -19.13 0.10 -26.13
C ASP A 387 -18.02 -0.93 -26.04
N LYS A 388 -18.16 -2.08 -26.69
CA LYS A 388 -17.19 -3.15 -26.49
C LYS A 388 -15.88 -2.87 -27.21
N ALA A 389 -15.93 -2.01 -28.26
CA ALA A 389 -14.71 -1.77 -29.01
C ALA A 389 -13.72 -0.96 -28.18
N THR A 390 -14.23 -0.04 -27.36
CA THR A 390 -13.38 0.82 -26.55
C THR A 390 -13.38 0.36 -25.10
N LYS A 391 -14.21 -0.66 -24.77
CA LYS A 391 -14.42 -1.09 -23.40
C LYS A 391 -15.01 0.01 -22.52
N GLU A 392 -15.73 0.95 -23.12
CA GLU A 392 -16.32 2.01 -22.35
C GLU A 392 -17.37 1.45 -21.39
N THR A 393 -17.22 1.74 -20.09
CA THR A 393 -18.10 1.22 -19.06
C THR A 393 -19.32 2.10 -18.92
N PHE A 394 -20.27 1.67 -18.08
CA PHE A 394 -21.49 2.41 -17.81
C PHE A 394 -21.13 3.62 -16.95
N THR A 395 -21.87 4.71 -17.15
CA THR A 395 -21.81 5.81 -16.22
C THR A 395 -22.51 5.38 -14.94
N GLU A 396 -22.31 6.17 -13.88
CA GLU A 396 -23.00 5.90 -12.63
C GLU A 396 -24.51 5.90 -12.86
N GLU A 397 -25.00 6.83 -13.67
CA GLU A 397 -26.44 6.91 -13.90
C GLU A 397 -26.92 5.68 -14.68
N GLU A 398 -26.12 5.22 -15.66
CA GLU A 398 -26.49 4.03 -16.43
C GLU A 398 -26.51 2.81 -15.51
N THR A 399 -25.54 2.70 -14.59
CA THR A 399 -25.50 1.63 -13.62
C THR A 399 -26.78 1.62 -12.78
N GLU A 400 -27.19 2.81 -12.29
CA GLU A 400 -28.36 2.90 -11.44
CA GLU A 400 -28.37 2.93 -11.44
C GLU A 400 -29.63 2.52 -12.21
N ARG A 401 -29.80 3.05 -13.42
CA ARG A 401 -31.01 2.84 -14.20
CA ARG A 401 -31.01 2.84 -14.19
C ARG A 401 -31.05 1.44 -14.82
N VAL A 402 -29.96 1.01 -15.46
CA VAL A 402 -29.97 -0.23 -16.22
C VAL A 402 -29.56 -1.43 -15.36
N LEU A 403 -28.49 -1.33 -14.59
CA LEU A 403 -28.05 -2.49 -13.83
C LEU A 403 -29.00 -2.75 -12.66
N TYR A 404 -29.19 -1.75 -11.82
CA TYR A 404 -29.98 -1.96 -10.61
C TYR A 404 -31.47 -1.80 -10.90
N GLY A 405 -31.84 -0.74 -11.64
CA GLY A 405 -33.25 -0.43 -11.91
C GLY A 405 -33.92 -1.52 -12.75
N PHE A 406 -33.20 -2.01 -13.76
CA PHE A 406 -33.83 -2.88 -14.75
C PHE A 406 -33.32 -4.31 -14.59
N LEU A 407 -32.01 -4.50 -14.75
CA LEU A 407 -31.41 -5.84 -14.90
CA LEU A 407 -31.42 -5.84 -14.91
C LEU A 407 -31.61 -6.73 -13.69
N SER A 408 -31.34 -6.21 -12.50
CA SER A 408 -31.41 -7.05 -11.31
CA SER A 408 -31.39 -7.08 -11.34
C SER A 408 -32.80 -7.68 -11.20
N LYS A 409 -33.81 -6.84 -11.38
CA LYS A 409 -35.21 -7.25 -11.28
CA LYS A 409 -35.18 -7.30 -11.25
C LYS A 409 -35.55 -8.19 -12.44
N ALA A 410 -35.14 -7.82 -13.66
CA ALA A 410 -35.54 -8.59 -14.82
C ALA A 410 -34.92 -10.00 -14.83
N LEU A 411 -33.69 -10.12 -14.34
CA LEU A 411 -33.08 -11.46 -14.27
C LEU A 411 -33.95 -12.39 -13.41
N PHE A 412 -34.30 -11.91 -12.21
CA PHE A 412 -35.06 -12.70 -11.26
C PHE A 412 -36.44 -12.99 -11.87
N ASP A 413 -37.09 -11.93 -12.40
CA ASP A 413 -38.46 -12.09 -12.89
C ASP A 413 -38.52 -13.04 -14.09
N ASN A 414 -37.42 -13.18 -14.84
CA ASN A 414 -37.36 -14.11 -15.96
C ASN A 414 -36.85 -15.50 -15.52
N GLY A 415 -36.72 -15.72 -14.21
CA GLY A 415 -36.50 -17.08 -13.72
C GLY A 415 -35.03 -17.40 -13.35
N LEU A 416 -34.17 -16.39 -13.24
CA LEU A 416 -32.76 -16.64 -12.93
C LEU A 416 -32.36 -15.83 -11.71
N TYR A 417 -32.10 -16.53 -10.61
CA TYR A 417 -31.45 -15.89 -9.47
C TYR A 417 -29.94 -15.93 -9.72
N CYS A 418 -29.32 -14.73 -9.72
CA CYS A 418 -27.87 -14.63 -9.93
C CYS A 418 -27.44 -13.30 -9.32
N ARG A 419 -26.16 -12.96 -9.52
CA ARG A 419 -25.60 -11.74 -8.93
C ARG A 419 -25.39 -10.70 -10.03
N ALA A 420 -25.95 -9.49 -9.83
CA ALA A 420 -25.64 -8.36 -10.68
C ALA A 420 -25.02 -7.29 -9.77
N ASP A 421 -23.86 -6.78 -10.17
CA ASP A 421 -23.06 -6.10 -9.18
C ASP A 421 -22.19 -5.07 -9.88
N ASP A 422 -21.79 -4.02 -9.13
CA ASP A 422 -20.76 -3.13 -9.65
C ASP A 422 -19.70 -2.82 -8.58
N ARG A 423 -19.23 -3.83 -7.84
CA ARG A 423 -18.15 -3.59 -6.87
C ARG A 423 -16.90 -3.13 -7.60
N GLY A 424 -16.66 -3.75 -8.78
CA GLY A 424 -15.68 -3.30 -9.74
C GLY A 424 -16.38 -2.53 -10.87
N ASP A 425 -16.54 -3.19 -12.03
CA ASP A 425 -17.35 -2.69 -13.12
C ASP A 425 -18.63 -3.55 -13.18
N PRO A 426 -19.67 -3.15 -13.94
CA PRO A 426 -20.96 -3.87 -13.97
C PRO A 426 -20.82 -5.30 -14.50
N VAL A 427 -21.15 -6.30 -13.65
CA VAL A 427 -20.95 -7.71 -14.04
C VAL A 427 -22.15 -8.50 -13.58
N ILE A 428 -22.45 -9.56 -14.31
CA ILE A 428 -23.37 -10.57 -13.83
C ILE A 428 -22.51 -11.80 -13.51
N GLN A 429 -22.66 -12.37 -12.30
CA GLN A 429 -21.89 -13.52 -11.92
C GLN A 429 -22.80 -14.74 -11.72
N LEU A 430 -22.20 -15.91 -12.01
CA LEU A 430 -22.90 -17.21 -12.03
C LEU A 430 -22.02 -18.22 -11.29
N ALA A 431 -22.68 -19.03 -10.46
CA ALA A 431 -22.00 -20.11 -9.73
C ALA A 431 -23.04 -21.12 -9.33
N PRO A 432 -23.66 -21.82 -10.32
CA PRO A 432 -24.78 -22.69 -10.01
C PRO A 432 -24.35 -23.95 -9.27
N PRO A 433 -25.30 -24.78 -8.78
CA PRO A 433 -24.88 -26.04 -8.16
C PRO A 433 -24.06 -26.92 -9.11
N LEU A 434 -23.21 -27.76 -8.53
CA LEU A 434 -22.29 -28.53 -9.36
C LEU A 434 -23.03 -29.64 -10.11
N ILE A 435 -24.26 -29.98 -9.73
CA ILE A 435 -25.05 -30.95 -10.50
C ILE A 435 -25.59 -30.31 -11.80
N SER A 436 -25.36 -29.02 -12.03
CA SER A 436 -25.79 -28.36 -13.28
C SER A 436 -25.12 -29.06 -14.46
N ASP A 437 -25.85 -29.03 -15.61
CA ASP A 437 -25.26 -29.64 -16.82
C ASP A 437 -25.63 -28.80 -18.03
N GLN A 438 -25.45 -29.34 -19.25
CA GLN A 438 -25.71 -28.50 -20.44
C GLN A 438 -27.10 -27.89 -20.46
N SER A 439 -28.12 -28.63 -19.98
CA SER A 439 -29.46 -28.06 -19.93
CA SER A 439 -29.46 -28.05 -19.94
C SER A 439 -29.48 -26.80 -19.06
N THR A 440 -28.78 -26.88 -17.91
CA THR A 440 -28.68 -25.69 -17.04
C THR A 440 -27.97 -24.54 -17.75
N PHE A 441 -26.90 -24.86 -18.49
CA PHE A 441 -26.13 -23.78 -19.09
C PHE A 441 -26.94 -23.13 -20.19
N ASP A 442 -27.71 -23.96 -20.93
CA ASP A 442 -28.54 -23.41 -22.00
C ASP A 442 -29.62 -22.54 -21.40
N GLU A 443 -30.18 -22.97 -20.25
CA GLU A 443 -31.24 -22.17 -19.64
C GLU A 443 -30.70 -20.79 -19.25
N ILE A 444 -29.51 -20.80 -18.65
CA ILE A 444 -28.85 -19.55 -18.24
C ILE A 444 -28.64 -18.66 -19.45
N GLU A 445 -28.03 -19.24 -20.50
CA GLU A 445 -27.72 -18.42 -21.67
C GLU A 445 -29.00 -17.82 -22.25
N GLY A 446 -30.09 -18.60 -22.28
CA GLY A 446 -31.29 -18.09 -22.93
C GLY A 446 -31.91 -16.93 -22.19
N ILE A 447 -31.97 -17.01 -20.84
CA ILE A 447 -32.53 -15.92 -20.04
C ILE A 447 -31.61 -14.69 -20.12
N LEU A 448 -30.30 -14.91 -20.11
CA LEU A 448 -29.40 -13.74 -20.21
C LEU A 448 -29.55 -13.10 -21.59
N ARG A 449 -29.71 -13.90 -22.65
CA ARG A 449 -29.83 -13.29 -23.98
C ARG A 449 -31.08 -12.40 -24.04
N THR A 450 -32.22 -12.91 -23.54
CA THR A 450 -33.45 -12.12 -23.49
C THR A 450 -33.22 -10.80 -22.76
N VAL A 451 -32.75 -10.88 -21.50
CA VAL A 451 -32.72 -9.70 -20.65
CA VAL A 451 -32.75 -9.67 -20.69
C VAL A 451 -31.61 -8.72 -21.10
N LEU A 452 -30.49 -9.25 -21.59
CA LEU A 452 -29.40 -8.38 -22.02
C LEU A 452 -29.76 -7.67 -23.33
N THR A 453 -30.59 -8.28 -24.18
CA THR A 453 -31.05 -7.59 -25.38
C THR A 453 -31.95 -6.41 -24.95
N GLU A 454 -32.85 -6.65 -23.99
CA GLU A 454 -33.70 -5.60 -23.44
CA GLU A 454 -33.68 -5.58 -23.48
C GLU A 454 -32.86 -4.49 -22.80
N ALA A 455 -31.81 -4.89 -22.06
CA ALA A 455 -30.98 -3.93 -21.33
C ALA A 455 -30.32 -2.96 -22.30
N TRP A 456 -29.89 -3.46 -23.45
CA TRP A 456 -29.20 -2.61 -24.41
C TRP A 456 -30.13 -1.50 -24.91
N THR A 457 -31.39 -1.88 -25.16
CA THR A 457 -32.38 -0.89 -25.63
C THR A 457 -32.55 0.19 -24.56
N LYS A 458 -32.59 -0.23 -23.28
CA LYS A 458 -32.82 0.71 -22.19
C LYS A 458 -31.61 1.61 -21.98
N LEU A 459 -30.42 1.07 -22.27
CA LEU A 459 -29.20 1.85 -22.10
C LEU A 459 -29.29 3.07 -23.03
N HIS A 460 -29.97 2.92 -24.18
CA HIS A 460 -29.95 3.96 -25.19
C HIS A 460 -31.26 4.75 -25.21
N HIS A 461 -32.23 4.34 -24.39
CA HIS A 461 -33.47 5.11 -24.24
C HIS A 461 -33.30 6.16 -23.13
N HIS A 462 -32.23 6.94 -23.23
CA HIS A 462 -32.02 8.11 -22.39
C HIS A 462 -31.59 9.28 -23.28
N LYS B 9 44.26 12.80 22.84
CA LYS B 9 43.24 13.12 21.81
C LYS B 9 42.59 11.84 21.27
N ASP B 10 43.44 10.90 20.81
CA ASP B 10 43.00 9.64 20.23
C ASP B 10 42.32 8.73 21.27
N LEU B 11 42.77 8.86 22.53
CA LEU B 11 42.28 8.08 23.66
C LEU B 11 41.23 8.85 24.46
N SER B 12 40.90 10.09 24.04
CA SER B 12 39.81 10.88 24.60
C SER B 12 38.44 10.25 24.27
N ARG B 13 37.60 10.11 25.30
CA ARG B 13 36.39 9.32 25.13
CA ARG B 13 36.41 9.29 25.23
C ARG B 13 35.17 10.12 25.58
N THR B 14 35.29 11.46 25.63
CA THR B 14 34.16 12.25 26.16
C THR B 14 32.91 12.06 25.30
N ALA B 15 33.08 12.15 23.97
CA ALA B 15 31.93 11.98 23.07
C ALA B 15 31.36 10.57 23.18
N TYR B 16 32.22 9.54 23.14
CA TYR B 16 31.71 8.17 23.24
C TYR B 16 31.00 7.99 24.59
N ASP B 17 31.49 8.62 25.67
CA ASP B 17 30.92 8.36 26.99
C ASP B 17 29.60 9.10 27.17
N HIS B 18 29.33 10.16 26.40
CA HIS B 18 28.16 10.96 26.76
C HIS B 18 27.32 11.44 25.55
N LEU B 19 27.92 11.70 24.40
CA LEU B 19 27.17 12.22 23.27
C LEU B 19 26.56 11.07 22.46
N TRP B 20 25.21 10.91 22.51
CA TRP B 20 24.60 9.86 21.72
C TRP B 20 24.31 10.48 20.35
N MET B 21 25.20 10.20 19.41
CA MET B 21 25.12 10.80 18.07
C MET B 21 23.93 10.22 17.29
N HIS B 22 23.42 11.01 16.35
CA HIS B 22 22.18 10.66 15.65
C HIS B 22 22.50 9.71 14.49
N PHE B 23 21.63 8.70 14.33
CA PHE B 23 21.82 7.66 13.31
C PHE B 23 23.30 7.21 13.24
N THR B 24 23.89 6.91 14.39
CA THR B 24 25.31 6.59 14.43
C THR B 24 25.51 5.25 15.16
N ARG B 25 26.42 4.44 14.61
CA ARG B 25 26.85 3.22 15.28
CA ARG B 25 26.87 3.22 15.26
C ARG B 25 27.90 3.60 16.33
N MET B 26 27.49 3.63 17.60
CA MET B 26 28.30 4.17 18.67
C MET B 26 29.51 3.27 18.97
N SER B 27 29.41 1.96 18.71
CA SER B 27 30.50 1.07 19.07
C SER B 27 31.75 1.39 18.26
N SER B 28 31.61 2.06 17.11
CA SER B 28 32.72 2.49 16.28
C SER B 28 33.69 3.38 17.07
N TYR B 29 33.26 3.94 18.21
CA TYR B 29 34.07 4.93 18.89
C TYR B 29 34.52 4.45 20.26
N GLU B 30 34.33 3.17 20.54
CA GLU B 30 34.80 2.63 21.81
C GLU B 30 36.33 2.69 21.88
N SER B 31 37.00 2.44 20.76
CA SER B 31 38.46 2.36 20.78
C SER B 31 39.11 3.28 19.76
N ALA B 32 38.33 4.16 19.11
CA ALA B 32 38.77 5.03 18.03
C ALA B 32 38.19 6.42 18.25
N PRO B 33 38.88 7.49 17.80
CA PRO B 33 38.40 8.84 18.06
C PRO B 33 37.14 9.19 17.24
N VAL B 34 36.31 10.06 17.81
CA VAL B 34 35.18 10.55 17.05
C VAL B 34 35.66 11.70 16.18
N PRO B 35 35.39 11.70 14.87
CA PRO B 35 35.73 12.84 14.03
C PRO B 35 34.99 14.08 14.53
N THR B 36 35.75 15.15 14.83
CA THR B 36 35.19 16.31 15.52
C THR B 36 35.47 17.55 14.70
N ILE B 37 34.42 18.24 14.25
CA ILE B 37 34.51 19.45 13.47
C ILE B 37 34.39 20.64 14.40
N VAL B 38 35.30 21.62 14.26
CA VAL B 38 35.39 22.69 15.25
C VAL B 38 35.17 24.06 14.65
N ARG B 39 35.31 24.25 13.34
CA ARG B 39 35.30 25.58 12.76
CA ARG B 39 35.33 25.57 12.75
C ARG B 39 34.90 25.43 11.29
N GLY B 40 34.25 26.45 10.73
CA GLY B 40 33.92 26.54 9.32
C GLY B 40 34.28 27.92 8.79
N GLU B 41 34.68 27.98 7.51
CA GLU B 41 34.96 29.21 6.82
CA GLU B 41 34.90 29.23 6.83
C GLU B 41 34.51 29.02 5.37
N GLY B 42 33.45 29.71 4.96
CA GLY B 42 32.99 29.62 3.59
C GLY B 42 32.53 28.19 3.27
N THR B 43 33.16 27.55 2.28
CA THR B 43 32.81 26.19 1.89
C THR B 43 33.65 25.15 2.61
N TYR B 44 34.49 25.55 3.56
CA TYR B 44 35.39 24.61 4.23
C TYR B 44 35.08 24.44 5.69
N ILE B 45 35.39 23.27 6.21
CA ILE B 45 35.34 22.98 7.64
C ILE B 45 36.69 22.46 8.09
N PHE B 46 36.95 22.59 9.38
CA PHE B 46 38.22 22.18 9.97
C PHE B 46 37.98 21.28 11.16
N ASP B 47 38.79 20.22 11.26
CA ASP B 47 38.69 19.29 12.39
C ASP B 47 39.53 19.79 13.56
N ASP B 48 39.53 18.97 14.63
CA ASP B 48 40.22 19.32 15.87
C ASP B 48 41.73 19.14 15.76
N GLN B 49 42.23 18.70 14.60
CA GLN B 49 43.66 18.52 14.35
C GLN B 49 44.10 19.53 13.29
N GLY B 50 43.19 20.42 12.86
CA GLY B 50 43.48 21.54 11.97
C GLY B 50 43.50 21.11 10.48
N ARG B 51 43.02 19.90 10.21
CA ARG B 51 42.80 19.44 8.85
CA ARG B 51 42.81 19.46 8.84
C ARG B 51 41.58 20.15 8.25
N ARG B 52 41.63 20.41 6.95
CA ARG B 52 40.58 21.15 6.25
C ARG B 52 39.87 20.26 5.25
N TYR B 53 38.54 20.38 5.16
CA TYR B 53 37.72 19.52 4.30
C TYR B 53 36.75 20.44 3.57
N LEU B 54 36.51 20.15 2.30
CA LEU B 54 35.43 20.81 1.61
C LEU B 54 34.09 20.28 2.13
N ASP B 55 33.21 21.20 2.56
CA ASP B 55 31.90 20.83 3.12
C ASP B 55 30.94 20.54 1.97
N GLY B 56 31.09 19.30 1.44
CA GLY B 56 30.37 18.91 0.24
C GLY B 56 28.87 18.71 0.44
N LEU B 57 28.40 18.65 1.71
CA LEU B 57 26.99 18.47 2.04
CA LEU B 57 26.98 18.50 1.98
C LEU B 57 26.40 19.75 2.65
N ALA B 58 27.20 20.85 2.77
CA ALA B 58 26.75 22.02 3.50
C ALA B 58 26.24 21.57 4.88
N GLY B 59 27.05 20.73 5.52
CA GLY B 59 26.73 20.29 6.87
C GLY B 59 25.77 19.10 6.82
N LEU B 60 24.49 19.39 6.56
CA LEU B 60 23.51 18.32 6.34
C LEU B 60 22.43 18.92 5.46
N PHE B 61 22.85 19.37 4.27
CA PHE B 61 21.97 20.03 3.32
C PHE B 61 21.42 21.33 3.92
N VAL B 62 22.26 22.09 4.64
CA VAL B 62 21.77 23.19 5.48
C VAL B 62 22.47 24.54 5.24
N VAL B 63 23.81 24.52 5.11
CA VAL B 63 24.57 25.77 5.34
C VAL B 63 24.66 26.49 3.99
N GLN B 64 23.54 27.06 3.54
CA GLN B 64 23.41 27.54 2.17
C GLN B 64 24.42 28.66 1.90
N ALA B 65 24.49 29.63 2.81
CA ALA B 65 25.30 30.84 2.57
C ALA B 65 26.77 30.60 2.90
N GLY B 66 27.15 29.43 3.43
CA GLY B 66 28.52 29.19 3.85
C GLY B 66 28.73 29.45 5.34
N HIS B 67 29.84 28.94 5.87
CA HIS B 67 30.21 29.11 7.27
C HIS B 67 30.90 30.44 7.56
N GLY B 68 30.83 30.88 8.84
CA GLY B 68 31.63 32.05 9.25
C GLY B 68 30.97 33.37 8.90
N ARG B 69 29.65 33.40 8.65
CA ARG B 69 28.92 34.62 8.34
C ARG B 69 28.75 35.50 9.59
N THR B 70 29.60 36.54 9.74
CA THR B 70 29.47 37.40 10.91
CA THR B 70 29.52 37.50 10.83
C THR B 70 28.13 38.15 10.88
N GLU B 71 27.57 38.39 9.71
CA GLU B 71 26.29 39.09 9.63
CA GLU B 71 26.27 39.04 9.54
C GLU B 71 25.21 38.28 10.35
N LEU B 72 25.24 36.95 10.20
CA LEU B 72 24.24 36.09 10.85
C LEU B 72 24.52 35.98 12.34
N ALA B 73 25.79 35.88 12.74
CA ALA B 73 26.13 35.84 14.16
C ALA B 73 25.65 37.12 14.84
N GLU B 74 25.90 38.27 14.18
CA GLU B 74 25.52 39.54 14.81
CA GLU B 74 25.53 39.57 14.76
C GLU B 74 24.01 39.70 14.87
N ALA B 75 23.28 39.20 13.85
CA ALA B 75 21.82 39.27 13.89
C ALA B 75 21.31 38.49 15.11
N ALA B 76 21.94 37.36 15.42
CA ALA B 76 21.48 36.56 16.55
C ALA B 76 21.72 37.31 17.86
N SER B 77 22.93 37.88 18.01
CA SER B 77 23.20 38.50 19.30
CA SER B 77 23.27 38.56 19.25
C SER B 77 22.36 39.75 19.47
N LYS B 78 22.12 40.52 18.40
CA LYS B 78 21.30 41.73 18.49
C LYS B 78 19.90 41.38 18.97
N GLN B 79 19.30 40.31 18.39
CA GLN B 79 17.95 39.95 18.80
C GLN B 79 17.94 39.35 20.20
N ALA B 80 18.91 38.50 20.56
CA ALA B 80 18.95 37.86 21.85
C ALA B 80 19.02 38.90 22.96
N GLN B 81 19.70 40.02 22.71
CA GLN B 81 19.83 41.04 23.73
CA GLN B 81 19.85 41.09 23.68
C GLN B 81 18.51 41.77 23.98
N ASP B 82 17.69 41.90 22.92
CA ASP B 82 16.45 42.64 22.97
CA ASP B 82 16.43 42.63 22.93
C ASP B 82 15.31 41.75 23.48
N LEU B 83 15.06 40.61 22.82
CA LEU B 83 14.01 39.67 23.23
C LEU B 83 14.44 38.31 22.62
N ALA B 84 15.05 37.46 23.44
CA ALA B 84 15.53 36.18 22.87
C ALA B 84 14.35 35.21 22.73
N PHE B 85 13.39 35.27 23.66
CA PHE B 85 12.28 34.32 23.57
C PHE B 85 10.99 34.94 24.09
N PHE B 86 9.92 34.83 23.31
CA PHE B 86 8.56 35.00 23.80
C PHE B 86 7.71 34.12 22.89
N PRO B 87 6.71 33.37 23.40
CA PRO B 87 6.01 32.42 22.54
C PRO B 87 5.02 33.10 21.59
N ILE B 88 4.85 32.50 20.39
CA ILE B 88 3.85 32.95 19.45
C ILE B 88 2.52 32.20 19.71
N TRP B 89 2.08 32.24 20.98
CA TRP B 89 0.90 31.52 21.46
C TRP B 89 -0.06 32.59 21.99
N SER B 90 -1.00 33.02 21.14
CA SER B 90 -1.93 34.11 21.42
CA SER B 90 -1.93 34.13 21.35
C SER B 90 -1.18 35.45 21.53
N TYR B 91 0.08 35.48 21.08
CA TYR B 91 0.90 36.70 21.09
C TYR B 91 1.78 36.61 19.85
N ALA B 92 2.25 37.78 19.41
CA ALA B 92 3.25 37.84 18.34
C ALA B 92 4.48 38.55 18.87
N HIS B 93 5.58 38.39 18.12
CA HIS B 93 6.73 39.27 18.34
C HIS B 93 7.17 39.70 16.94
N PRO B 94 7.88 40.86 16.80
CA PRO B 94 7.98 41.44 15.48
C PRO B 94 8.74 40.60 14.45
N LYS B 95 9.81 39.95 14.86
CA LYS B 95 10.61 39.20 13.87
C LYS B 95 9.86 38.00 13.32
N ALA B 96 9.05 37.32 14.17
CA ALA B 96 8.22 36.24 13.62
C ALA B 96 7.21 36.78 12.61
N VAL B 97 6.58 37.93 12.92
CA VAL B 97 5.61 38.49 12.01
C VAL B 97 6.26 38.86 10.68
N GLU B 98 7.41 39.56 10.78
CA GLU B 98 8.10 39.98 9.56
C GLU B 98 8.50 38.77 8.71
N LEU B 99 9.07 37.75 9.36
CA LEU B 99 9.45 36.56 8.61
C LEU B 99 8.22 35.85 8.03
N ALA B 100 7.11 35.78 8.77
CA ALA B 100 5.95 35.13 8.18
C ALA B 100 5.50 35.86 6.90
N GLU B 101 5.51 37.21 6.95
CA GLU B 101 5.09 37.97 5.79
C GLU B 101 6.05 37.74 4.62
N ARG B 102 7.35 37.69 4.93
CA ARG B 102 8.36 37.53 3.90
C ARG B 102 8.28 36.15 3.24
N LEU B 103 8.12 35.11 4.07
CA LEU B 103 7.96 33.78 3.46
C LEU B 103 6.68 33.69 2.63
N ALA B 104 5.57 34.25 3.16
CA ALA B 104 4.32 34.25 2.41
C ALA B 104 4.51 34.92 1.05
N HIS B 105 5.28 36.03 1.02
CA HIS B 105 5.49 36.79 -0.21
CA HIS B 105 5.42 36.75 -0.23
C HIS B 105 6.21 35.90 -1.23
N GLU B 106 7.15 35.09 -0.74
CA GLU B 106 7.98 34.30 -1.63
C GLU B 106 7.26 33.03 -2.08
N ALA B 107 6.27 32.57 -1.31
CA ALA B 107 5.61 31.31 -1.62
C ALA B 107 4.61 31.53 -2.74
N PRO B 108 4.32 30.49 -3.55
CA PRO B 108 3.44 30.66 -4.69
C PRO B 108 1.96 30.65 -4.29
N GLY B 109 1.12 31.13 -5.22
CA GLY B 109 -0.32 31.06 -5.08
C GLY B 109 -0.78 31.71 -3.78
N ASP B 110 -1.73 31.04 -3.12
CA ASP B 110 -2.33 31.57 -1.92
C ASP B 110 -1.69 30.98 -0.67
N LEU B 111 -0.44 30.50 -0.78
CA LEU B 111 0.29 29.99 0.38
C LEU B 111 0.79 31.14 1.21
N ASN B 112 -0.09 31.59 2.12
CA ASN B 112 0.12 32.89 2.74
C ASN B 112 0.17 32.75 4.27
N LYS B 113 -0.08 31.54 4.81
CA LYS B 113 -0.12 31.37 6.26
C LYS B 113 1.08 30.54 6.69
N VAL B 114 1.84 31.02 7.67
CA VAL B 114 3.10 30.40 8.04
C VAL B 114 2.98 29.88 9.47
N PHE B 115 3.07 28.54 9.61
CA PHE B 115 3.02 27.92 10.94
C PHE B 115 4.44 27.45 11.30
N PHE B 116 5.11 28.21 12.17
CA PHE B 116 6.52 27.96 12.39
C PHE B 116 6.76 26.78 13.31
N THR B 117 7.84 26.04 12.98
CA THR B 117 8.36 24.97 13.80
C THR B 117 9.85 25.18 14.09
N THR B 118 10.54 24.19 14.69
CA THR B 118 11.99 24.27 14.78
CA THR B 118 12.00 24.26 14.78
C THR B 118 12.64 23.38 13.72
N GLY B 119 12.02 22.24 13.41
CA GLY B 119 12.66 21.31 12.50
C GLY B 119 11.71 20.80 11.40
N GLY B 120 12.27 20.02 10.49
CA GLY B 120 11.48 19.56 9.35
C GLY B 120 10.50 18.45 9.72
N GLY B 121 10.90 17.50 10.59
CA GLY B 121 9.94 16.46 11.03
C GLY B 121 8.76 17.13 11.74
N GLU B 122 9.04 18.16 12.55
CA GLU B 122 7.96 18.90 13.19
C GLU B 122 7.05 19.55 12.16
N ALA B 123 7.59 20.04 11.03
CA ALA B 123 6.78 20.64 9.99
C ALA B 123 5.92 19.55 9.30
N VAL B 124 6.51 18.38 8.99
CA VAL B 124 5.77 17.26 8.37
C VAL B 124 4.60 16.85 9.29
N GLU B 125 4.85 16.73 10.59
CA GLU B 125 3.77 16.42 11.55
C GLU B 125 2.69 17.50 11.46
N THR B 126 3.13 18.78 11.41
CA THR B 126 2.16 19.86 11.30
C THR B 126 1.27 19.68 10.07
N ALA B 127 1.85 19.35 8.91
CA ALA B 127 1.08 19.24 7.67
C ALA B 127 0.06 18.10 7.75
N TRP B 128 0.45 16.93 8.27
CA TRP B 128 -0.50 15.83 8.32
C TRP B 128 -1.61 16.16 9.34
N LYS B 129 -1.24 16.70 10.51
CA LYS B 129 -2.27 17.07 11.48
C LYS B 129 -3.23 18.13 10.89
N LEU B 130 -2.69 19.15 10.22
CA LEU B 130 -3.53 20.19 9.64
C LEU B 130 -4.50 19.55 8.64
N ALA B 131 -4.00 18.65 7.78
CA ALA B 131 -4.90 18.01 6.81
C ALA B 131 -6.04 17.25 7.51
N LYS B 132 -5.73 16.51 8.59
CA LYS B 132 -6.77 15.75 9.28
CA LYS B 132 -6.75 15.75 9.31
C LYS B 132 -7.82 16.70 9.86
N GLN B 133 -7.37 17.76 10.55
CA GLN B 133 -8.36 18.64 11.19
C GLN B 133 -9.11 19.44 10.12
N TYR B 134 -8.43 19.81 9.03
CA TYR B 134 -9.11 20.50 7.94
C TYR B 134 -10.31 19.67 7.44
N PHE B 135 -10.07 18.37 7.16
CA PHE B 135 -11.15 17.54 6.64
C PHE B 135 -12.24 17.34 7.68
N LYS B 136 -11.90 17.28 8.98
CA LYS B 136 -12.97 17.24 9.98
C LYS B 136 -13.81 18.52 9.95
N LEU B 137 -13.16 19.68 9.84
CA LEU B 137 -13.88 20.96 9.89
C LEU B 137 -14.74 21.16 8.64
N THR B 138 -14.44 20.49 7.53
CA THR B 138 -15.13 20.70 6.27
C THR B 138 -16.03 19.49 5.92
N GLY B 139 -16.31 18.64 6.90
CA GLY B 139 -17.36 17.62 6.76
C GLY B 139 -16.93 16.39 5.96
N LYS B 140 -15.62 16.11 5.94
CA LYS B 140 -15.08 14.91 5.31
C LYS B 140 -14.25 14.14 6.33
N PRO B 141 -14.84 13.69 7.44
CA PRO B 141 -14.09 13.20 8.60
C PRO B 141 -13.32 11.91 8.38
N THR B 142 -13.64 11.16 7.31
CA THR B 142 -12.90 9.94 7.07
C THR B 142 -11.56 10.21 6.37
N LYS B 143 -11.28 11.46 5.91
CA LYS B 143 -10.02 11.66 5.20
C LYS B 143 -8.84 11.73 6.19
N HIS B 144 -7.92 10.75 6.12
CA HIS B 144 -6.83 10.73 7.11
C HIS B 144 -5.59 10.08 6.54
N LYS B 145 -5.67 9.35 5.41
CA LYS B 145 -4.50 8.58 5.01
C LYS B 145 -3.53 9.50 4.25
N VAL B 146 -2.30 8.99 4.11
CA VAL B 146 -1.25 9.78 3.44
C VAL B 146 -0.47 8.88 2.49
N ILE B 147 -0.05 9.43 1.36
CA ILE B 147 0.72 8.68 0.36
C ILE B 147 2.08 9.35 0.20
N SER B 148 3.14 8.51 0.10
CA SER B 148 4.47 9.07 -0.14
C SER B 148 5.27 7.98 -0.86
N ARG B 149 6.50 8.29 -1.21
CA ARG B 149 7.26 7.39 -2.06
C ARG B 149 8.23 6.47 -1.32
N ALA B 150 8.39 5.27 -1.92
CA ALA B 150 9.37 4.31 -1.43
C ALA B 150 10.75 4.97 -1.35
N VAL B 151 11.50 4.67 -0.26
CA VAL B 151 12.88 5.09 -0.01
C VAL B 151 12.91 6.54 0.48
N ALA B 152 11.80 7.32 0.45
CA ALA B 152 11.92 8.72 0.83
C ALA B 152 12.05 8.87 2.36
N TYR B 153 12.82 9.88 2.78
CA TYR B 153 12.95 10.17 4.21
C TYR B 153 12.25 11.48 4.53
N HIS B 154 11.26 11.39 5.44
CA HIS B 154 10.42 12.54 5.79
C HIS B 154 10.52 12.87 7.28
N GLY B 155 11.54 12.32 7.96
CA GLY B 155 11.72 12.61 9.38
C GLY B 155 11.35 11.47 10.34
N THR B 156 11.51 11.73 11.64
CA THR B 156 11.61 10.69 12.66
C THR B 156 10.54 10.73 13.75
N PRO B 157 9.85 11.85 14.12
CA PRO B 157 8.77 11.69 15.07
C PRO B 157 7.77 10.68 14.47
N GLN B 158 6.97 10.01 15.30
CA GLN B 158 6.30 8.81 14.81
C GLN B 158 5.26 9.08 13.71
N GLY B 159 4.61 10.25 13.66
CA GLY B 159 3.77 10.60 12.53
C GLY B 159 4.59 10.75 11.24
N ALA B 160 5.59 11.63 11.30
CA ALA B 160 6.47 11.78 10.13
C ALA B 160 7.12 10.45 9.73
N LEU B 161 7.46 9.61 10.71
CA LEU B 161 8.12 8.34 10.40
C LEU B 161 7.18 7.42 9.63
N SER B 162 5.87 7.57 9.86
CA SER B 162 4.91 6.78 9.08
C SER B 162 4.99 7.15 7.61
N ILE B 163 5.20 8.44 7.33
CA ILE B 163 5.31 8.97 5.97
C ILE B 163 6.68 8.61 5.37
N THR B 164 7.73 8.58 6.20
CA THR B 164 9.02 8.04 5.76
C THR B 164 8.83 6.66 5.14
N GLY B 165 9.59 6.41 4.08
CA GLY B 165 9.47 5.17 3.27
C GLY B 165 10.70 4.30 3.33
N LEU B 166 11.41 4.32 4.47
CA LEU B 166 12.60 3.47 4.66
C LEU B 166 12.31 2.47 5.77
N PRO B 167 11.89 1.22 5.44
CA PRO B 167 11.46 0.30 6.46
C PRO B 167 12.49 0.02 7.54
N ALA B 168 13.79 0.12 7.23
CA ALA B 168 14.76 -0.16 8.28
C ALA B 168 14.66 0.87 9.42
N LEU B 169 14.17 2.08 9.12
CA LEU B 169 14.02 3.16 10.09
CA LEU B 169 14.08 3.09 10.15
C LEU B 169 12.75 2.96 10.90
N LYS B 170 11.89 2.03 10.48
CA LYS B 170 10.51 1.96 10.99
C LYS B 170 10.24 0.68 11.77
N ALA B 171 10.81 -0.45 11.32
CA ALA B 171 10.45 -1.75 11.86
C ALA B 171 10.62 -1.81 13.39
N PRO B 172 11.68 -1.24 14.01
CA PRO B 172 11.82 -1.38 15.45
C PRO B 172 10.75 -0.63 16.25
N PHE B 173 10.02 0.27 15.56
CA PHE B 173 9.16 1.22 16.24
C PHE B 173 7.69 0.98 15.93
N GLU B 174 7.38 0.04 15.00
CA GLU B 174 5.98 -0.19 14.65
C GLU B 174 5.24 -0.78 15.87
N PRO B 175 3.92 -0.52 16.02
CA PRO B 175 3.10 0.18 15.03
C PRO B 175 3.23 1.69 15.17
N LEU B 176 3.04 2.39 14.03
CA LEU B 176 3.18 3.85 14.03
C LEU B 176 1.78 4.43 13.84
N VAL B 177 1.64 5.63 13.26
CA VAL B 177 0.34 6.21 13.07
C VAL B 177 -0.33 5.55 11.87
N PRO B 178 -1.53 5.00 11.99
CA PRO B 178 -2.14 4.40 10.81
C PRO B 178 -2.39 5.39 9.68
N GLY B 179 -2.33 4.83 8.46
CA GLY B 179 -2.84 5.56 7.32
C GLY B 179 -1.78 5.89 6.26
N ALA B 180 -0.54 5.45 6.41
CA ALA B 180 0.51 5.79 5.42
C ALA B 180 0.69 4.65 4.42
N HIS B 181 0.69 5.02 3.14
CA HIS B 181 0.79 4.05 2.06
C HIS B 181 1.85 4.52 1.06
N LYS B 182 2.60 3.55 0.51
CA LYS B 182 3.73 3.90 -0.36
C LYS B 182 3.46 3.60 -1.84
N VAL B 183 4.15 4.36 -2.67
CA VAL B 183 4.09 4.24 -4.13
C VAL B 183 5.52 4.27 -4.64
N PRO B 184 5.79 3.87 -5.89
CA PRO B 184 7.14 3.93 -6.42
C PRO B 184 7.73 5.32 -6.41
N ASN B 185 9.07 5.35 -6.32
CA ASN B 185 9.78 6.61 -6.54
C ASN B 185 10.04 6.80 -8.03
N THR B 186 10.69 7.94 -8.38
CA THR B 186 10.88 8.23 -9.80
C THR B 186 12.33 7.96 -10.21
N ASN B 187 12.90 6.85 -9.72
CA ASN B 187 14.28 6.51 -10.10
C ASN B 187 14.33 5.93 -11.51
N ILE B 188 14.40 6.82 -12.52
CA ILE B 188 14.31 6.35 -13.90
C ILE B 188 15.49 5.46 -14.27
N TYR B 189 16.66 5.70 -13.64
CA TYR B 189 17.85 4.86 -13.89
C TYR B 189 17.55 3.38 -13.72
N ARG B 190 16.64 3.04 -12.81
CA ARG B 190 16.31 1.63 -12.62
C ARG B 190 14.82 1.35 -12.85
N ALA B 191 14.19 2.15 -13.71
CA ALA B 191 12.76 2.02 -13.97
C ALA B 191 12.46 0.62 -14.50
N PRO B 192 11.46 -0.12 -13.95
CA PRO B 192 11.03 -1.37 -14.56
C PRO B 192 10.31 -1.19 -15.90
N LEU B 193 9.65 -0.04 -16.06
CA LEU B 193 9.00 0.29 -17.32
C LEU B 193 9.33 1.73 -17.72
N PHE B 194 9.43 1.99 -19.02
CA PHE B 194 9.51 3.34 -19.56
C PHE B 194 10.85 4.03 -19.26
N GLY B 195 11.89 3.25 -19.00
CA GLY B 195 13.19 3.81 -18.63
C GLY B 195 13.77 4.70 -19.72
N ASP B 196 13.37 4.48 -20.98
CA ASP B 196 13.91 5.21 -22.12
CA ASP B 196 13.96 5.30 -22.03
C ASP B 196 12.97 6.35 -22.51
N ASP B 197 11.91 6.59 -21.71
CA ASP B 197 10.92 7.56 -22.12
C ASP B 197 10.51 8.39 -20.92
N PRO B 198 11.23 9.48 -20.61
CA PRO B 198 10.97 10.25 -19.40
C PRO B 198 9.51 10.70 -19.24
N GLU B 199 8.88 11.16 -20.32
CA GLU B 199 7.51 11.64 -20.24
CA GLU B 199 7.50 11.64 -20.26
C GLU B 199 6.56 10.50 -19.88
N ALA B 200 6.71 9.35 -20.53
CA ALA B 200 5.85 8.21 -20.25
C ALA B 200 6.13 7.69 -18.81
N PHE B 201 7.39 7.71 -18.40
CA PHE B 201 7.77 7.28 -17.05
C PHE B 201 7.13 8.23 -16.03
N GLY B 202 7.15 9.54 -16.30
CA GLY B 202 6.54 10.51 -15.39
C GLY B 202 5.04 10.30 -15.21
N ARG B 203 4.36 10.02 -16.33
CA ARG B 203 2.91 9.80 -16.29
C ARG B 203 2.63 8.51 -15.50
N TRP B 204 3.43 7.45 -15.76
CA TRP B 204 3.27 6.20 -15.05
C TRP B 204 3.47 6.42 -13.54
N ALA B 205 4.54 7.14 -13.17
CA ALA B 205 4.88 7.21 -11.74
C ALA B 205 3.84 8.06 -11.02
N ALA B 206 3.33 9.10 -11.69
CA ALA B 206 2.28 9.91 -11.07
C ALA B 206 1.00 9.06 -10.93
N ASP B 207 0.66 8.33 -11.99
CA ASP B 207 -0.56 7.53 -11.93
C ASP B 207 -0.52 6.49 -10.82
N GLN B 208 0.65 6.06 -10.36
CA GLN B 208 0.73 5.15 -9.22
C GLN B 208 0.09 5.78 -7.97
N ILE B 209 0.13 7.11 -7.88
CA ILE B 209 -0.50 7.79 -6.75
C ILE B 209 -2.02 7.64 -6.88
N GLU B 210 -2.56 7.90 -8.09
CA GLU B 210 -3.99 7.70 -8.29
C GLU B 210 -4.38 6.25 -7.94
N GLN B 211 -3.55 5.27 -8.36
CA GLN B 211 -3.95 3.90 -8.08
C GLN B 211 -4.04 3.69 -6.57
N GLN B 212 -3.06 4.20 -5.79
CA GLN B 212 -3.10 3.97 -4.34
C GLN B 212 -4.29 4.67 -3.70
N ILE B 213 -4.66 5.84 -4.20
CA ILE B 213 -5.84 6.56 -3.71
C ILE B 213 -7.08 5.66 -3.95
N LEU B 214 -7.20 5.15 -5.18
CA LEU B 214 -8.31 4.25 -5.50
C LEU B 214 -8.30 2.99 -4.64
N PHE B 215 -7.12 2.39 -4.37
CA PHE B 215 -7.05 1.16 -3.60
C PHE B 215 -7.53 1.39 -2.17
N GLU B 216 -7.23 2.56 -1.59
CA GLU B 216 -7.64 2.78 -0.20
C GLU B 216 -8.98 3.50 -0.08
N GLY B 217 -9.46 4.12 -1.17
CA GLY B 217 -10.72 4.80 -1.15
C GLY B 217 -10.48 6.30 -1.05
N PRO B 218 -10.77 7.11 -2.10
CA PRO B 218 -10.44 8.54 -2.02
C PRO B 218 -11.00 9.27 -0.83
N GLU B 219 -12.20 8.87 -0.36
CA GLU B 219 -12.81 9.57 0.78
CA GLU B 219 -12.83 9.53 0.77
C GLU B 219 -12.08 9.27 2.08
N THR B 220 -11.08 8.38 2.04
CA THR B 220 -10.29 8.15 3.26
C THR B 220 -8.88 8.75 3.15
N VAL B 221 -8.54 9.35 2.01
CA VAL B 221 -7.17 9.84 1.79
C VAL B 221 -7.12 11.36 1.98
N ALA B 222 -6.15 11.81 2.80
CA ALA B 222 -6.02 13.24 3.09
C ALA B 222 -4.94 13.91 2.26
N ALA B 223 -3.78 13.25 2.08
CA ALA B 223 -2.65 14.03 1.56
C ALA B 223 -1.59 13.17 0.90
N VAL B 224 -0.82 13.82 0.02
CA VAL B 224 0.29 13.19 -0.69
C VAL B 224 1.52 14.03 -0.35
N PHE B 225 2.61 13.38 0.13
CA PHE B 225 3.86 14.11 0.49
C PHE B 225 4.97 13.74 -0.49
N LEU B 226 5.55 14.79 -1.14
CA LEU B 226 6.60 14.51 -2.14
C LEU B 226 7.69 15.55 -2.02
N GLU B 227 8.95 15.11 -2.04
CA GLU B 227 10.05 16.05 -2.18
C GLU B 227 10.15 16.49 -3.64
N PRO B 228 10.54 17.76 -3.90
CA PRO B 228 10.69 18.19 -5.30
C PRO B 228 11.73 17.34 -6.03
N VAL B 229 12.92 17.17 -5.38
CA VAL B 229 13.94 16.20 -5.80
C VAL B 229 14.13 15.24 -4.64
N GLN B 230 13.91 13.93 -4.85
CA GLN B 230 13.96 12.97 -3.73
C GLN B 230 15.41 12.80 -3.29
N ASN B 231 15.66 12.98 -2.02
CA ASN B 231 16.98 12.82 -1.44
C ASN B 231 17.40 11.35 -1.30
N ALA B 232 16.75 10.61 -0.39
CA ALA B 232 17.17 9.25 -0.10
C ALA B 232 16.91 8.35 -1.32
N GLY B 233 17.95 7.57 -1.70
CA GLY B 233 18.05 6.88 -3.00
C GLY B 233 18.99 7.54 -3.98
N GLY B 234 19.29 8.82 -3.75
CA GLY B 234 20.33 9.48 -4.53
C GLY B 234 19.83 10.52 -5.52
N CYS B 235 19.03 11.51 -5.08
CA CYS B 235 18.74 12.71 -5.89
CA CYS B 235 18.77 12.65 -5.88
C CYS B 235 17.94 12.35 -7.14
N PHE B 236 16.70 11.86 -6.96
CA PHE B 236 15.88 11.63 -8.14
C PHE B 236 15.12 12.89 -8.47
N PRO B 237 15.42 13.60 -9.59
CA PRO B 237 14.61 14.72 -10.03
C PRO B 237 13.25 14.23 -10.54
N PRO B 238 12.25 15.11 -10.60
CA PRO B 238 10.94 14.71 -11.10
C PRO B 238 11.00 14.57 -12.61
N PRO B 239 10.47 13.49 -13.19
CA PRO B 239 10.37 13.41 -14.66
C PRO B 239 9.55 14.55 -15.23
N PRO B 240 9.72 14.87 -16.52
CA PRO B 240 8.88 15.90 -17.12
C PRO B 240 7.40 15.53 -17.06
N GLY B 241 6.57 16.49 -16.67
CA GLY B 241 5.13 16.27 -16.60
C GLY B 241 4.65 15.60 -15.31
N TYR B 242 5.58 15.10 -14.48
CA TYR B 242 5.19 14.38 -13.27
C TYR B 242 4.37 15.22 -12.29
N PHE B 243 4.92 16.35 -11.85
CA PHE B 243 4.20 17.12 -10.84
C PHE B 243 2.87 17.66 -11.39
N GLN B 244 2.82 18.01 -12.69
CA GLN B 244 1.56 18.49 -13.26
CA GLN B 244 1.56 18.50 -13.25
C GLN B 244 0.50 17.41 -13.12
N ARG B 245 0.88 16.17 -13.42
CA ARG B 245 -0.07 15.07 -13.28
C ARG B 245 -0.43 14.82 -11.81
N VAL B 246 0.55 14.88 -10.89
CA VAL B 246 0.20 14.72 -9.48
C VAL B 246 -0.79 15.79 -9.05
N ARG B 247 -0.56 17.05 -9.44
CA ARG B 247 -1.47 18.14 -9.06
C ARG B 247 -2.89 17.82 -9.55
N GLU B 248 -3.00 17.33 -10.78
CA GLU B 248 -4.31 16.98 -11.36
C GLU B 248 -4.99 15.85 -10.57
N ILE B 249 -4.22 14.80 -10.19
CA ILE B 249 -4.77 13.70 -9.42
C ILE B 249 -5.24 14.19 -8.06
N CYS B 250 -4.43 15.02 -7.39
CA CYS B 250 -4.83 15.53 -6.09
C CYS B 250 -6.10 16.36 -6.21
N ASP B 251 -6.22 17.20 -7.25
CA ASP B 251 -7.43 17.98 -7.45
C ASP B 251 -8.64 17.07 -7.67
N GLN B 252 -8.47 16.03 -8.50
CA GLN B 252 -9.60 15.18 -8.89
C GLN B 252 -10.18 14.51 -7.66
N TYR B 253 -9.28 14.07 -6.75
CA TYR B 253 -9.70 13.24 -5.64
C TYR B 253 -9.82 13.99 -4.32
N ASP B 254 -9.68 15.33 -4.36
CA ASP B 254 -9.77 16.15 -3.15
C ASP B 254 -8.74 15.66 -2.13
N VAL B 255 -7.49 15.55 -2.57
CA VAL B 255 -6.38 15.18 -1.67
C VAL B 255 -5.37 16.35 -1.69
N LEU B 256 -4.78 16.64 -0.54
CA LEU B 256 -3.88 17.79 -0.45
C LEU B 256 -2.48 17.38 -0.88
N LEU B 257 -1.79 18.28 -1.61
CA LEU B 257 -0.41 18.03 -2.01
C LEU B 257 0.54 18.80 -1.12
N VAL B 258 1.42 18.05 -0.43
CA VAL B 258 2.44 18.68 0.41
C VAL B 258 3.79 18.50 -0.27
N SER B 259 4.41 19.66 -0.54
CA SER B 259 5.76 19.70 -1.14
C SER B 259 6.73 19.71 0.05
N ASP B 260 7.44 18.60 0.24
CA ASP B 260 8.31 18.48 1.41
C ASP B 260 9.67 19.02 0.98
N GLU B 261 9.88 20.30 1.29
CA GLU B 261 11.03 21.06 0.78
C GLU B 261 12.07 21.28 1.87
N VAL B 262 12.14 20.41 2.88
CA VAL B 262 13.09 20.53 3.97
C VAL B 262 14.53 20.59 3.40
N ILE B 263 14.87 19.77 2.39
CA ILE B 263 16.18 19.94 1.72
C ILE B 263 16.08 20.92 0.57
N CYS B 264 15.02 20.87 -0.23
CA CYS B 264 15.05 21.55 -1.53
C CYS B 264 14.84 23.07 -1.46
N ALA B 265 14.18 23.61 -0.43
CA ALA B 265 13.90 25.06 -0.40
C ALA B 265 15.17 25.86 -0.08
N PHE B 266 15.03 27.18 -0.21
CA PHE B 266 16.08 28.12 0.20
C PHE B 266 17.31 27.89 -0.70
N GLY B 267 17.03 27.83 -2.01
CA GLY B 267 18.07 28.03 -3.01
C GLY B 267 18.78 26.74 -3.46
N ARG B 268 18.51 25.60 -2.80
CA ARG B 268 19.20 24.37 -3.18
C ARG B 268 18.99 24.10 -4.68
N LEU B 269 17.82 24.42 -5.24
CA LEU B 269 17.55 24.23 -6.66
C LEU B 269 17.47 25.58 -7.38
N GLY B 270 17.91 26.66 -6.72
CA GLY B 270 17.94 27.95 -7.41
C GLY B 270 16.69 28.82 -7.25
N THR B 271 15.69 28.38 -6.44
CA THR B 271 14.52 29.19 -6.13
C THR B 271 14.31 29.19 -4.61
N THR B 272 13.52 30.16 -4.08
CA THR B 272 13.29 30.16 -2.64
C THR B 272 12.44 28.94 -2.24
N PHE B 273 11.38 28.71 -3.02
CA PHE B 273 10.58 27.50 -2.84
C PHE B 273 10.78 26.62 -4.05
N ALA B 274 11.17 25.35 -3.82
CA ALA B 274 11.56 24.47 -4.89
C ALA B 274 10.40 24.05 -5.79
N CYS B 275 9.15 24.07 -5.28
CA CYS B 275 8.02 23.84 -6.17
C CYS B 275 8.00 24.78 -7.38
N ASP B 276 8.54 26.00 -7.21
CA ASP B 276 8.55 26.95 -8.33
C ASP B 276 9.56 26.52 -9.39
N LYS B 277 10.61 25.77 -9.02
CA LYS B 277 11.56 25.26 -10.02
C LYS B 277 10.86 24.31 -11.00
N PHE B 278 9.80 23.62 -10.53
CA PHE B 278 9.15 22.60 -11.33
C PHE B 278 7.75 23.02 -11.79
N GLY B 279 7.33 24.23 -11.44
CA GLY B 279 6.09 24.79 -11.96
C GLY B 279 4.83 24.16 -11.39
N TYR B 280 4.82 23.72 -10.12
CA TYR B 280 3.57 23.30 -9.49
C TYR B 280 3.33 24.10 -8.23
N VAL B 281 2.04 24.21 -7.89
CA VAL B 281 1.65 24.90 -6.67
C VAL B 281 1.04 23.88 -5.71
N PRO B 282 1.74 23.50 -4.60
CA PRO B 282 1.19 22.55 -3.65
C PRO B 282 0.15 23.25 -2.76
N ASP B 283 -0.54 22.48 -1.90
CA ASP B 283 -1.43 23.03 -0.89
C ASP B 283 -0.66 23.49 0.36
N MET B 284 0.45 22.80 0.66
CA MET B 284 1.34 23.13 1.76
C MET B 284 2.80 22.87 1.37
N ILE B 285 3.71 23.65 1.99
CA ILE B 285 5.14 23.40 1.86
C ILE B 285 5.67 23.15 3.26
N THR B 286 6.47 22.08 3.45
CA THR B 286 7.26 21.95 4.67
C THR B 286 8.72 22.33 4.39
N CYS B 287 9.33 23.03 5.35
CA CYS B 287 10.69 23.55 5.13
C CYS B 287 11.36 23.71 6.49
N ALA B 288 12.70 23.79 6.46
CA ALA B 288 13.50 23.94 7.69
C ALA B 288 14.94 24.25 7.25
N LYS B 289 15.91 23.45 7.73
CA LYS B 289 17.30 23.47 7.19
C LYS B 289 17.78 24.87 6.76
N GLY B 290 17.79 25.13 5.44
CA GLY B 290 18.45 26.32 4.91
C GLY B 290 17.75 27.66 5.16
N MET B 291 16.63 27.71 5.86
CA MET B 291 15.93 28.97 6.09
C MET B 291 16.87 29.99 6.76
N THR B 292 17.74 29.48 7.65
CA THR B 292 18.75 30.31 8.34
C THR B 292 20.16 29.94 7.89
N SER B 293 20.30 29.20 6.78
CA SER B 293 21.58 28.50 6.50
C SER B 293 22.04 27.70 7.70
N GLY B 294 21.07 27.23 8.53
CA GLY B 294 21.36 26.45 9.72
C GLY B 294 21.89 27.24 10.92
N TYR B 295 21.93 28.59 10.85
CA TYR B 295 22.59 29.32 11.92
C TYR B 295 21.76 29.37 13.21
N SER B 296 20.44 29.08 13.12
CA SER B 296 19.61 29.03 14.33
C SER B 296 18.38 28.17 14.01
N PRO B 297 18.04 27.14 14.83
CA PRO B 297 16.91 26.25 14.45
C PRO B 297 15.58 26.95 14.23
N ILE B 298 14.97 26.70 13.07
CA ILE B 298 13.62 27.13 12.73
C ILE B 298 13.22 26.41 11.43
N GLY B 299 11.91 26.14 11.32
CA GLY B 299 11.34 25.72 10.05
C GLY B 299 9.87 26.16 9.99
N ALA B 300 9.11 25.63 9.03
CA ALA B 300 7.72 26.06 8.89
C ALA B 300 6.92 25.07 8.06
N CYS B 301 5.63 25.07 8.33
CA CYS B 301 4.68 24.55 7.37
C CYS B 301 3.94 25.77 6.83
N ILE B 302 4.03 25.97 5.52
CA ILE B 302 3.40 27.12 4.87
C ILE B 302 2.14 26.61 4.18
N ILE B 303 1.01 27.30 4.40
CA ILE B 303 -0.30 26.68 4.21
C ILE B 303 -1.17 27.60 3.34
N SER B 304 -1.91 27.01 2.41
CA SER B 304 -2.81 27.71 1.51
CA SER B 304 -2.77 27.76 1.52
C SER B 304 -3.90 28.43 2.32
N ASP B 305 -4.27 29.63 1.86
CA ASP B 305 -5.40 30.31 2.53
C ASP B 305 -6.69 29.49 2.43
N ARG B 306 -6.85 28.69 1.36
CA ARG B 306 -8.01 27.81 1.23
CA ARG B 306 -8.01 27.81 1.23
C ARG B 306 -8.11 26.87 2.43
N LEU B 307 -6.98 26.29 2.86
CA LEU B 307 -6.97 25.39 4.01
C LEU B 307 -7.18 26.13 5.32
N ALA B 308 -6.61 27.34 5.41
CA ALA B 308 -6.78 28.13 6.64
C ALA B 308 -8.23 28.58 6.82
N GLU B 309 -8.99 28.74 5.73
CA GLU B 309 -10.31 29.40 5.84
CA GLU B 309 -10.33 29.36 5.80
C GLU B 309 -11.15 28.86 7.00
N PRO B 310 -11.44 27.53 7.12
CA PRO B 310 -12.28 27.06 8.21
C PRO B 310 -11.75 27.31 9.61
N PHE B 311 -10.42 27.33 9.71
CA PHE B 311 -9.82 27.53 11.00
C PHE B 311 -9.89 29.01 11.41
N TYR B 312 -10.09 29.92 10.44
CA TYR B 312 -10.09 31.35 10.72
C TYR B 312 -11.54 31.83 10.96
N GLN B 313 -12.49 30.89 11.01
CA GLN B 313 -13.89 31.24 11.27
C GLN B 313 -14.25 30.88 12.71
N GLY B 314 -14.81 31.86 13.44
CA GLY B 314 -15.43 31.59 14.72
C GLY B 314 -14.52 30.93 15.73
N ASP B 315 -15.10 29.94 16.41
CA ASP B 315 -14.42 29.44 17.56
C ASP B 315 -13.74 28.14 17.11
N ASN B 316 -12.84 28.27 16.16
CA ASN B 316 -12.08 27.11 15.71
C ASN B 316 -10.61 27.44 15.91
N THR B 317 -9.86 26.37 16.24
CA THR B 317 -8.45 26.55 16.57
C THR B 317 -7.71 25.33 16.03
N PHE B 318 -6.59 25.58 15.35
CA PHE B 318 -5.65 24.48 15.02
C PHE B 318 -4.91 24.16 16.30
N LEU B 319 -5.26 23.04 16.89
CA LEU B 319 -4.80 22.66 18.20
CA LEU B 319 -4.75 22.76 18.23
C LEU B 319 -3.40 22.08 18.11
N HIS B 320 -2.40 22.91 17.83
CA HIS B 320 -1.07 22.38 17.58
C HIS B 320 -0.09 23.50 17.87
N GLY B 321 1.13 23.10 18.22
CA GLY B 321 2.15 24.13 18.53
C GLY B 321 3.44 23.51 19.04
N TYR B 322 4.46 24.35 19.14
CA TYR B 322 5.77 23.99 19.64
C TYR B 322 6.30 25.21 20.39
N THR B 323 6.78 24.98 21.62
CA THR B 323 7.32 26.11 22.41
C THR B 323 8.23 27.00 21.58
N PHE B 324 9.20 26.41 20.89
CA PHE B 324 10.26 27.19 20.25
C PHE B 324 9.93 27.57 18.82
N GLY B 325 8.72 27.25 18.34
CA GLY B 325 8.41 27.65 16.97
C GLY B 325 8.34 29.18 16.82
N GLY B 326 9.00 29.68 15.78
CA GLY B 326 8.96 31.11 15.51
C GLY B 326 9.89 31.92 16.40
N HIS B 327 10.85 31.23 17.01
CA HIS B 327 11.81 31.75 17.96
C HIS B 327 12.30 33.13 17.52
N PRO B 328 12.30 34.19 18.39
CA PRO B 328 12.80 35.48 17.96
C PRO B 328 14.21 35.47 17.34
N VAL B 329 15.15 34.81 18.00
CA VAL B 329 16.53 34.83 17.50
C VAL B 329 16.56 34.11 16.15
N SER B 330 15.90 32.94 16.06
CA SER B 330 15.95 32.24 14.78
C SER B 330 15.26 33.03 13.67
N SER B 331 14.17 33.73 14.01
CA SER B 331 13.46 34.53 13.03
C SER B 331 14.39 35.67 12.55
N ALA B 332 15.03 36.36 13.47
CA ALA B 332 15.97 37.44 13.09
C ALA B 332 17.09 36.89 12.18
N VAL B 333 17.63 35.71 12.56
CA VAL B 333 18.70 35.11 11.77
C VAL B 333 18.16 34.76 10.38
N ALA B 334 16.95 34.18 10.30
CA ALA B 334 16.38 33.85 9.01
C ALA B 334 16.27 35.09 8.11
N LEU B 335 15.78 36.20 8.69
CA LEU B 335 15.63 37.42 7.87
C LEU B 335 17.00 37.90 7.37
N ALA B 336 18.01 37.81 8.23
CA ALA B 336 19.37 38.21 7.85
C ALA B 336 19.88 37.26 6.77
N ASN B 337 19.54 35.96 6.86
CA ASN B 337 19.97 35.02 5.84
C ASN B 337 19.30 35.36 4.52
N LEU B 338 17.99 35.64 4.53
CA LEU B 338 17.31 35.98 3.28
C LEU B 338 17.88 37.30 2.69
N ASP B 339 18.29 38.22 3.56
CA ASP B 339 18.97 39.43 3.10
C ASP B 339 20.27 39.08 2.35
N ILE B 340 21.07 38.14 2.86
CA ILE B 340 22.25 37.69 2.12
C ILE B 340 21.82 37.15 0.77
N PHE B 341 20.80 36.27 0.75
CA PHE B 341 20.39 35.71 -0.51
C PHE B 341 20.03 36.79 -1.51
N ASP B 342 19.24 37.81 -1.08
CA ASP B 342 18.88 38.84 -2.02
C ASP B 342 20.10 39.67 -2.47
N ARG B 343 20.97 40.07 -1.53
CA ARG B 343 22.06 40.97 -1.91
CA ARG B 343 22.10 40.94 -1.83
C ARG B 343 23.07 40.23 -2.78
N GLU B 344 23.32 38.95 -2.52
CA GLU B 344 24.34 38.21 -3.26
C GLU B 344 23.75 37.47 -4.47
N GLY B 345 22.43 37.49 -4.61
CA GLY B 345 21.73 36.81 -5.71
C GLY B 345 22.04 35.31 -5.72
N LEU B 346 21.96 34.65 -4.55
CA LEU B 346 22.36 33.24 -4.46
C LEU B 346 21.45 32.34 -5.29
N ASN B 347 20.14 32.62 -5.35
CA ASN B 347 19.24 31.77 -6.14
C ASN B 347 19.68 31.80 -7.60
N GLN B 348 19.87 33.01 -8.17
CA GLN B 348 20.24 33.13 -9.57
C GLN B 348 21.64 32.53 -9.80
N HIS B 349 22.53 32.63 -8.79
CA HIS B 349 23.85 32.02 -8.91
C HIS B 349 23.71 30.52 -9.13
N VAL B 350 22.81 29.89 -8.37
CA VAL B 350 22.60 28.46 -8.53
C VAL B 350 22.03 28.16 -9.92
N LEU B 351 21.02 28.93 -10.37
CA LEU B 351 20.48 28.70 -11.70
C LEU B 351 21.57 28.86 -12.76
N ASP B 352 22.46 29.84 -12.56
CA ASP B 352 23.49 30.14 -13.55
C ASP B 352 24.60 29.10 -13.55
N ASN B 353 24.75 28.35 -12.45
CA ASN B 353 25.87 27.42 -12.32
C ASN B 353 25.44 25.93 -12.30
N GLU B 354 24.12 25.65 -12.26
CA GLU B 354 23.70 24.24 -12.14
C GLU B 354 24.17 23.44 -13.35
N GLY B 355 24.15 24.06 -14.54
CA GLY B 355 24.52 23.30 -15.73
C GLY B 355 26.00 22.88 -15.71
N THR B 356 26.89 23.81 -15.32
CA THR B 356 28.30 23.48 -15.27
C THR B 356 28.62 22.56 -14.08
N PHE B 357 27.90 22.69 -12.94
CA PHE B 357 28.16 21.73 -11.88
C PHE B 357 27.81 20.33 -12.36
N PHE B 358 26.62 20.17 -12.95
CA PHE B 358 26.23 18.83 -13.43
C PHE B 358 27.24 18.32 -14.48
N ALA B 359 27.58 19.18 -15.44
CA ALA B 359 28.52 18.76 -16.52
C ALA B 359 29.88 18.36 -15.96
N THR B 360 30.34 19.11 -14.93
CA THR B 360 31.62 18.82 -14.30
C THR B 360 31.57 17.42 -13.66
N LEU B 361 30.49 17.12 -12.92
CA LEU B 361 30.37 15.79 -12.34
C LEU B 361 30.22 14.74 -13.42
N GLN B 362 29.54 15.07 -14.53
CA GLN B 362 29.37 14.06 -15.56
C GLN B 362 30.70 13.66 -16.21
N LYS B 363 31.76 14.43 -16.01
CA LYS B 363 33.08 13.99 -16.48
CA LYS B 363 33.07 13.99 -16.48
C LYS B 363 33.43 12.62 -15.87
N LEU B 364 32.90 12.29 -14.66
CA LEU B 364 33.22 11.03 -14.00
C LEU B 364 32.63 9.83 -14.74
N HIS B 365 31.75 10.05 -15.75
CA HIS B 365 31.21 8.94 -16.50
C HIS B 365 32.29 8.18 -17.28
N ASP B 366 33.53 8.73 -17.39
CA ASP B 366 34.53 7.89 -18.06
C ASP B 366 35.18 6.87 -17.09
N LEU B 367 34.72 6.80 -15.83
CA LEU B 367 35.25 5.84 -14.87
C LEU B 367 34.34 4.62 -14.88
N PRO B 368 34.91 3.38 -14.80
CA PRO B 368 34.08 2.16 -14.82
C PRO B 368 33.14 2.01 -13.63
N ILE B 369 33.46 2.61 -12.48
CA ILE B 369 32.62 2.41 -11.30
C ILE B 369 31.40 3.34 -11.33
N VAL B 370 31.37 4.31 -12.24
CA VAL B 370 30.26 5.27 -12.24
C VAL B 370 29.15 4.81 -13.17
N GLY B 371 27.98 4.57 -12.58
CA GLY B 371 26.82 4.13 -13.37
C GLY B 371 25.90 5.30 -13.75
N ASP B 372 25.71 6.28 -12.84
CA ASP B 372 24.79 7.38 -13.12
C ASP B 372 25.28 8.62 -12.39
N VAL B 373 24.96 9.77 -12.97
CA VAL B 373 25.12 11.10 -12.35
C VAL B 373 23.79 11.80 -12.59
N ARG B 374 23.12 12.23 -11.50
CA ARG B 374 21.75 12.70 -11.62
C ARG B 374 21.51 13.76 -10.53
N GLY B 375 20.56 14.66 -10.79
CA GLY B 375 20.20 15.65 -9.78
C GLY B 375 19.70 16.93 -10.44
N ASN B 376 19.83 18.06 -9.73
CA ASN B 376 19.25 19.32 -10.23
C ASN B 376 19.83 20.42 -9.35
N GLY B 377 19.99 21.64 -9.89
CA GLY B 377 20.45 22.74 -9.04
C GLY B 377 21.84 22.48 -8.49
N PHE B 378 21.99 22.55 -7.15
CA PHE B 378 23.25 22.19 -6.48
C PHE B 378 23.01 20.94 -5.63
N PHE B 379 22.35 19.95 -6.23
CA PHE B 379 22.06 18.70 -5.50
C PHE B 379 22.19 17.50 -6.44
N TYR B 380 23.24 16.67 -6.20
CA TYR B 380 23.59 15.60 -7.13
C TYR B 380 23.87 14.29 -6.41
N GLY B 381 23.53 13.21 -7.12
CA GLY B 381 23.92 11.86 -6.71
C GLY B 381 24.70 11.14 -7.82
N ILE B 382 25.70 10.41 -7.39
CA ILE B 382 26.53 9.60 -8.29
C ILE B 382 26.34 8.15 -7.87
N GLU B 383 25.75 7.33 -8.76
CA GLU B 383 25.48 5.95 -8.38
C GLU B 383 26.66 5.09 -8.85
N LEU B 384 27.14 4.27 -7.94
CA LEU B 384 28.27 3.37 -8.18
C LEU B 384 27.76 2.00 -8.61
N VAL B 385 28.52 1.35 -9.50
CA VAL B 385 28.10 0.06 -10.06
C VAL B 385 29.34 -0.82 -10.23
N LYS B 386 29.11 -2.14 -10.31
CA LYS B 386 30.11 -3.12 -10.68
C LYS B 386 30.26 -3.21 -12.19
N ASP B 387 29.20 -2.87 -12.94
CA ASP B 387 29.26 -2.96 -14.39
C ASP B 387 28.22 -2.01 -14.97
N LYS B 388 28.65 -0.96 -15.67
CA LYS B 388 27.71 0.08 -16.07
C LYS B 388 26.81 -0.39 -17.21
N ALA B 389 27.28 -1.38 -17.99
CA ALA B 389 26.50 -1.79 -19.14
C ALA B 389 25.24 -2.53 -18.69
N THR B 390 25.34 -3.31 -17.61
CA THR B 390 24.20 -4.07 -17.11
C THR B 390 23.60 -3.41 -15.88
N LYS B 391 24.23 -2.31 -15.40
CA LYS B 391 23.83 -1.65 -14.16
C LYS B 391 23.97 -2.59 -12.97
N GLU B 392 24.90 -3.55 -13.03
CA GLU B 392 25.03 -4.46 -11.91
C GLU B 392 25.50 -3.69 -10.67
N THR B 393 24.78 -3.81 -9.56
CA THR B 393 25.07 -3.10 -8.33
C THR B 393 26.08 -3.89 -7.49
N PHE B 394 26.52 -3.29 -6.38
CA PHE B 394 27.46 -3.95 -5.47
C PHE B 394 26.75 -5.06 -4.72
N THR B 395 27.49 -6.12 -4.37
CA THR B 395 26.97 -7.06 -3.37
C THR B 395 26.94 -6.41 -1.99
N GLU B 396 26.25 -7.04 -1.04
CA GLU B 396 26.24 -6.51 0.31
CA GLU B 396 26.24 -6.58 0.34
C GLU B 396 27.67 -6.49 0.86
N GLU B 397 28.47 -7.49 0.51
CA GLU B 397 29.84 -7.56 1.02
C GLU B 397 30.65 -6.40 0.42
N GLU B 398 30.45 -6.13 -0.88
CA GLU B 398 31.15 -5.02 -1.55
C GLU B 398 30.70 -3.71 -0.92
N THR B 399 29.42 -3.57 -0.62
CA THR B 399 28.95 -2.33 0.02
C THR B 399 29.65 -2.12 1.36
N GLU B 400 29.77 -3.18 2.17
CA GLU B 400 30.43 -3.03 3.46
C GLU B 400 31.93 -2.71 3.30
N ARG B 401 32.63 -3.47 2.44
CA ARG B 401 34.08 -3.34 2.37
C ARG B 401 34.47 -2.12 1.53
N VAL B 402 33.82 -1.92 0.38
CA VAL B 402 34.28 -0.91 -0.56
C VAL B 402 33.55 0.41 -0.30
N LEU B 403 32.21 0.39 -0.19
CA LEU B 403 31.53 1.67 -0.05
C LEU B 403 31.83 2.24 1.32
N TYR B 404 31.58 1.50 2.39
CA TYR B 404 31.76 2.08 3.72
C TYR B 404 33.20 1.93 4.21
N GLY B 405 33.79 0.77 4.05
CA GLY B 405 35.12 0.50 4.64
C GLY B 405 36.21 1.34 3.95
N PHE B 406 36.10 1.45 2.65
CA PHE B 406 37.16 2.12 1.90
C PHE B 406 36.69 3.52 1.49
N LEU B 407 35.65 3.61 0.66
CA LEU B 407 35.27 4.87 0.03
CA LEU B 407 35.26 4.86 0.02
C LEU B 407 34.90 5.97 1.01
N SER B 408 34.05 5.67 1.96
CA SER B 408 33.58 6.74 2.84
CA SER B 408 33.57 6.67 2.93
C SER B 408 34.76 7.36 3.59
N LYS B 409 35.67 6.54 4.09
CA LYS B 409 36.87 7.03 4.77
C LYS B 409 37.79 7.76 3.79
N ALA B 410 37.97 7.21 2.58
CA ALA B 410 38.92 7.81 1.64
C ALA B 410 38.42 9.17 1.14
N LEU B 411 37.12 9.34 0.94
CA LEU B 411 36.62 10.65 0.54
C LEU B 411 37.03 11.71 1.58
N PHE B 412 36.72 11.43 2.85
CA PHE B 412 36.99 12.40 3.91
C PHE B 412 38.51 12.62 3.99
N ASP B 413 39.29 11.54 4.00
CA ASP B 413 40.74 11.66 4.17
CA ASP B 413 40.74 11.65 4.15
C ASP B 413 41.38 12.44 3.01
N ASN B 414 40.78 12.40 1.83
CA ASN B 414 41.24 13.15 0.68
C ASN B 414 40.68 14.58 0.62
N GLY B 415 39.96 15.00 1.69
CA GLY B 415 39.54 16.39 1.77
C GLY B 415 38.10 16.71 1.35
N LEU B 416 37.23 15.69 1.23
CA LEU B 416 35.84 15.94 0.82
C LEU B 416 34.88 15.30 1.81
N TYR B 417 34.19 16.17 2.56
CA TYR B 417 33.06 15.70 3.38
C TYR B 417 31.82 15.62 2.47
N CYS B 418 31.24 14.41 2.36
CA CYS B 418 30.02 14.26 1.57
C CYS B 418 29.34 12.98 2.08
N ARG B 419 28.28 12.55 1.39
CA ARG B 419 27.49 11.40 1.84
C ARG B 419 27.81 10.21 0.94
N ALA B 420 28.19 9.11 1.56
CA ALA B 420 28.16 7.82 0.88
C ALA B 420 27.08 6.98 1.57
N ASP B 421 26.22 6.38 0.74
CA ASP B 421 25.01 5.84 1.32
C ASP B 421 24.56 4.64 0.49
N ASP B 422 23.80 3.73 1.12
CA ASP B 422 23.09 2.71 0.36
C ASP B 422 21.66 2.53 0.87
N ARG B 423 20.93 3.64 1.12
CA ARG B 423 19.51 3.51 1.48
C ARG B 423 18.73 2.86 0.34
N GLY B 424 19.10 3.28 -0.89
CA GLY B 424 18.67 2.61 -2.11
C GLY B 424 19.82 1.76 -2.62
N ASP B 425 20.50 2.24 -3.68
CA ASP B 425 21.71 1.60 -4.19
C ASP B 425 22.90 2.47 -3.77
N PRO B 426 24.16 1.99 -3.86
CA PRO B 426 25.35 2.76 -3.46
C PRO B 426 25.53 4.09 -4.22
N VAL B 427 25.45 5.23 -3.50
CA VAL B 427 25.47 6.55 -4.11
C VAL B 427 26.37 7.45 -3.28
N ILE B 428 27.06 8.36 -3.96
CA ILE B 428 27.68 9.50 -3.31
C ILE B 428 26.82 10.70 -3.60
N GLN B 429 26.46 11.48 -2.56
CA GLN B 429 25.59 12.64 -2.72
C GLN B 429 26.34 13.93 -2.36
N LEU B 430 26.00 14.99 -3.11
CA LEU B 430 26.64 16.30 -2.98
C LEU B 430 25.57 17.36 -2.86
N ALA B 431 25.80 18.30 -1.93
CA ALA B 431 24.91 19.46 -1.79
C ALA B 431 25.72 20.55 -1.10
N PRO B 432 26.73 21.13 -1.79
CA PRO B 432 27.64 22.06 -1.15
C PRO B 432 26.94 23.41 -0.89
N PRO B 433 27.59 24.33 -0.15
CA PRO B 433 27.00 25.66 0.01
C PRO B 433 26.75 26.36 -1.33
N LEU B 434 25.78 27.27 -1.34
CA LEU B 434 25.34 27.85 -2.58
C LEU B 434 26.35 28.90 -3.09
N ILE B 435 27.31 29.28 -2.27
CA ILE B 435 28.40 30.14 -2.72
C ILE B 435 29.43 29.35 -3.52
N SER B 436 29.30 28.02 -3.62
CA SER B 436 30.23 27.23 -4.42
C SER B 436 30.24 27.72 -5.87
N ASP B 437 31.42 27.59 -6.51
CA ASP B 437 31.55 28.04 -7.88
C ASP B 437 32.36 26.99 -8.64
N GLN B 438 32.83 27.35 -9.86
CA GLN B 438 33.52 26.37 -10.67
C GLN B 438 34.73 25.76 -9.97
N SER B 439 35.45 26.59 -9.21
CA SER B 439 36.59 26.04 -8.49
C SER B 439 36.14 24.96 -7.49
N THR B 440 35.00 25.20 -6.82
CA THR B 440 34.48 24.17 -5.91
C THR B 440 34.15 22.89 -6.69
N PHE B 441 33.49 23.07 -7.83
CA PHE B 441 33.04 21.89 -8.58
C PHE B 441 34.25 21.09 -9.06
N ASP B 442 35.29 21.82 -9.52
CA ASP B 442 36.51 21.15 -9.97
C ASP B 442 37.17 20.42 -8.81
N GLU B 443 37.17 21.03 -7.61
CA GLU B 443 37.82 20.39 -6.48
C GLU B 443 37.11 19.07 -6.15
N ILE B 444 35.77 19.14 -6.13
CA ILE B 444 34.96 17.95 -5.89
C ILE B 444 35.26 16.86 -6.93
N GLU B 445 35.25 17.25 -8.22
CA GLU B 445 35.42 16.24 -9.26
C GLU B 445 36.80 15.60 -9.11
N GLY B 446 37.81 16.42 -8.77
CA GLY B 446 39.15 15.83 -8.72
C GLY B 446 39.32 14.82 -7.60
N ILE B 447 38.72 15.10 -6.41
CA ILE B 447 38.84 14.18 -5.29
C ILE B 447 38.02 12.92 -5.61
N LEU B 448 36.83 13.11 -6.19
CA LEU B 448 36.02 11.94 -6.54
C LEU B 448 36.77 11.07 -7.55
N ARG B 449 37.43 11.71 -8.53
CA ARG B 449 38.11 10.89 -9.54
C ARG B 449 39.23 10.05 -8.92
N THR B 450 40.03 10.66 -8.06
CA THR B 450 41.10 9.92 -7.36
C THR B 450 40.52 8.72 -6.63
N VAL B 451 39.52 8.98 -5.75
CA VAL B 451 39.06 7.96 -4.83
CA VAL B 451 39.08 7.95 -4.83
C VAL B 451 38.26 6.88 -5.56
N LEU B 452 37.47 7.28 -6.57
CA LEU B 452 36.66 6.31 -7.31
C LEU B 452 37.57 5.42 -8.18
N THR B 453 38.69 5.96 -8.66
CA THR B 453 39.64 5.12 -9.38
C THR B 453 40.22 4.06 -8.43
N GLU B 454 40.59 4.47 -7.22
CA GLU B 454 41.11 3.54 -6.21
CA GLU B 454 41.12 3.53 -6.24
C GLU B 454 40.04 2.52 -5.82
N ALA B 455 38.78 2.99 -5.70
CA ALA B 455 37.71 2.08 -5.27
C ALA B 455 37.51 0.94 -6.27
N TRP B 456 37.65 1.23 -7.56
CA TRP B 456 37.48 0.23 -8.60
C TRP B 456 38.46 -0.93 -8.41
N THR B 457 39.71 -0.60 -8.03
CA THR B 457 40.72 -1.64 -7.78
C THR B 457 40.34 -2.60 -6.65
N LYS B 458 39.41 -2.22 -5.76
CA LYS B 458 39.02 -3.09 -4.65
CA LYS B 458 38.99 -3.05 -4.63
C LYS B 458 37.85 -4.00 -5.02
N LEU B 459 37.27 -3.81 -6.22
CA LEU B 459 36.16 -4.64 -6.64
C LEU B 459 36.68 -5.83 -7.45
N HIS B 460 36.16 -7.03 -7.18
CA HIS B 460 36.71 -8.24 -7.78
C HIS B 460 35.97 -8.66 -9.06
N HIS B 461 36.74 -8.93 -10.12
CA HIS B 461 36.28 -9.09 -11.49
C HIS B 461 36.13 -7.70 -12.11
N HIS B 462 35.88 -6.68 -11.27
CA HIS B 462 35.53 -5.35 -11.71
C HIS B 462 36.21 -4.31 -10.81
#